data_3NHV
#
_entry.id   3NHV
#
_cell.length_a   145.873
_cell.length_b   145.873
_cell.length_c   145.873
_cell.angle_alpha   90.000
_cell.angle_beta   90.000
_cell.angle_gamma   90.000
#
_symmetry.space_group_name_H-M   'P 21 3'
#
loop_
_entity.id
_entity.type
_entity.pdbx_description
1 polymer 'BH2092 protein'
2 non-polymer 'CHLORIDE ION'
3 water water
#
_entity_poly.entity_id   1
_entity_poly.type   'polypeptide(L)'
_entity_poly.pdbx_seq_one_letter_code
;ANPNEAYRHY(MSE)KKLSYETDIADLSIDIKKGYEGIIVVDVRDAEAYKECHIPTAISIPGNKINEDTTKRLSKEKVII
TYCWGPACNGATKAAAKFAQLGFRVKELIGGIEYWRKENGEVEGTLGAKADLFWN(MSE)KKESLEHHHHHH
;
_entity_poly.pdbx_strand_id   A,B,C,D,E
#
loop_
_chem_comp.id
_chem_comp.type
_chem_comp.name
_chem_comp.formula
CL non-polymer 'CHLORIDE ION' 'Cl -1'
#
# COMPACT_ATOMS: atom_id res chain seq x y z
N ASN A 2 15.09 -6.63 18.04
CA ASN A 2 15.63 -8.01 18.01
C ASN A 2 15.15 -8.76 16.76
N PRO A 3 15.85 -9.84 16.38
CA PRO A 3 15.50 -10.64 15.20
C PRO A 3 14.03 -11.03 15.10
N ASN A 4 13.45 -11.46 16.21
CA ASN A 4 12.05 -11.87 16.21
C ASN A 4 11.11 -10.73 15.86
N GLU A 5 11.37 -9.56 16.45
CA GLU A 5 10.54 -8.38 16.20
C GLU A 5 10.67 -8.02 14.72
N ALA A 6 11.89 -8.06 14.20
CA ALA A 6 12.17 -7.73 12.81
C ALA A 6 11.41 -8.65 11.86
N TYR A 7 11.44 -9.94 12.15
CA TYR A 7 10.77 -10.93 11.34
C TYR A 7 9.28 -10.63 11.26
N ARG A 8 8.65 -10.40 12.40
CA ARG A 8 7.22 -10.10 12.41
C ARG A 8 6.94 -8.86 11.57
N HIS A 9 7.81 -7.87 11.68
CA HIS A 9 7.67 -6.61 10.95
C HIS A 9 7.64 -6.82 9.42
N TYR A 10 8.71 -7.40 8.87
CA TYR A 10 8.81 -7.64 7.44
C TYR A 10 7.69 -8.53 6.90
N MSE A 11 7.37 -9.60 7.63
CA MSE A 11 6.30 -10.48 7.19
C MSE A 11 4.99 -9.72 7.05
O MSE A 11 4.31 -9.81 6.02
CB MSE A 11 6.14 -11.66 8.17
CG MSE A 11 7.29 -12.64 8.12
SE MSE A 11 7.56 -13.29 6.29
CE MSE A 11 6.14 -14.61 6.28
N LYS A 12 4.65 -8.94 8.08
CA LYS A 12 3.42 -8.16 8.10
C LYS A 12 3.38 -7.17 6.95
N LYS A 13 4.49 -6.50 6.74
CA LYS A 13 4.55 -5.54 5.64
C LYS A 13 4.29 -6.28 4.33
N LEU A 14 4.88 -7.46 4.16
CA LEU A 14 4.67 -8.24 2.94
C LEU A 14 3.23 -8.72 2.75
N SER A 15 2.52 -8.92 3.85
CA SER A 15 1.14 -9.41 3.82
C SER A 15 0.13 -8.40 3.31
N TYR A 16 0.53 -7.13 3.26
CA TYR A 16 -0.36 -6.08 2.78
C TYR A 16 0.01 -5.60 1.40
N GLU A 17 1.00 -6.24 0.77
CA GLU A 17 1.42 -5.82 -0.55
C GLU A 17 1.85 -6.91 -1.52
N THR A 18 2.24 -6.49 -2.71
CA THR A 18 2.70 -7.40 -3.73
C THR A 18 3.43 -6.60 -4.80
N ASP A 19 4.41 -7.23 -5.44
CA ASP A 19 5.15 -6.51 -6.45
C ASP A 19 4.85 -6.92 -7.88
N ILE A 20 5.39 -6.14 -8.81
CA ILE A 20 5.21 -6.38 -10.23
C ILE A 20 5.54 -7.81 -10.60
N ALA A 21 6.64 -8.32 -10.06
CA ALA A 21 7.10 -9.66 -10.35
C ALA A 21 6.07 -10.71 -9.95
N ASP A 22 5.59 -10.63 -8.70
CA ASP A 22 4.61 -11.58 -8.23
C ASP A 22 3.31 -11.52 -9.05
N LEU A 23 2.88 -10.30 -9.38
CA LEU A 23 1.66 -10.13 -10.16
C LEU A 23 1.80 -10.75 -11.53
N SER A 24 2.93 -10.45 -12.18
CA SER A 24 3.20 -10.95 -13.52
C SER A 24 3.13 -12.47 -13.59
N ILE A 25 3.40 -13.15 -12.49
CA ILE A 25 3.33 -14.59 -12.46
C ILE A 25 1.87 -15.07 -12.33
N ASP A 26 1.11 -14.47 -11.41
CA ASP A 26 -0.29 -14.87 -11.26
C ASP A 26 -1.08 -14.65 -12.55
N ILE A 27 -0.81 -13.55 -13.26
CA ILE A 27 -1.52 -13.25 -14.50
C ILE A 27 -1.12 -14.24 -15.58
N LYS A 28 0.18 -14.47 -15.70
CA LYS A 28 0.71 -15.38 -16.69
C LYS A 28 0.20 -16.80 -16.45
N LYS A 29 0.04 -17.21 -15.19
CA LYS A 29 -0.46 -18.55 -14.87
C LYS A 29 -1.98 -18.61 -14.79
N GLY A 30 -2.63 -17.46 -15.06
CA GLY A 30 -4.08 -17.42 -15.02
C GLY A 30 -4.69 -17.70 -13.66
N TYR A 31 -3.93 -17.46 -12.58
CA TYR A 31 -4.44 -17.67 -11.24
C TYR A 31 -5.71 -16.84 -11.06
N GLU A 32 -6.80 -17.49 -10.62
CA GLU A 32 -8.07 -16.79 -10.44
C GLU A 32 -8.37 -16.50 -8.96
N GLY A 33 -7.36 -16.57 -8.12
CA GLY A 33 -7.56 -16.29 -6.72
C GLY A 33 -7.48 -14.80 -6.41
N ILE A 34 -7.26 -13.98 -7.44
CA ILE A 34 -7.17 -12.52 -7.26
C ILE A 34 -8.02 -11.73 -8.26
N ILE A 35 -8.31 -10.48 -7.90
CA ILE A 35 -9.05 -9.59 -8.78
C ILE A 35 -8.21 -8.33 -8.82
N VAL A 36 -7.69 -8.00 -9.99
CA VAL A 36 -6.85 -6.81 -10.13
C VAL A 36 -7.75 -5.62 -10.42
N VAL A 37 -7.65 -4.60 -9.57
CA VAL A 37 -8.49 -3.42 -9.71
C VAL A 37 -7.73 -2.10 -9.90
N ASP A 38 -7.94 -1.50 -11.08
CA ASP A 38 -7.32 -0.23 -11.43
C ASP A 38 -8.18 0.85 -10.80
N VAL A 39 -7.64 1.54 -9.79
CA VAL A 39 -8.39 2.58 -9.09
C VAL A 39 -8.17 4.00 -9.60
N ARG A 40 -7.48 4.13 -10.73
CA ARG A 40 -7.24 5.45 -11.31
C ARG A 40 -8.52 5.93 -12.03
N ASP A 41 -8.44 7.07 -12.72
CA ASP A 41 -9.59 7.63 -13.44
C ASP A 41 -10.10 6.72 -14.52
N ALA A 42 -11.37 6.85 -14.85
CA ALA A 42 -11.97 6.02 -15.87
C ALA A 42 -11.25 6.16 -17.21
N GLU A 43 -10.97 7.38 -17.63
CA GLU A 43 -10.31 7.60 -18.91
C GLU A 43 -8.88 7.09 -18.91
N ALA A 44 -8.25 7.06 -17.74
CA ALA A 44 -6.87 6.57 -17.66
C ALA A 44 -6.85 5.08 -17.94
N TYR A 45 -7.83 4.37 -17.39
CA TYR A 45 -7.94 2.94 -17.58
C TYR A 45 -8.28 2.61 -19.02
N LYS A 46 -9.16 3.41 -19.62
CA LYS A 46 -9.57 3.20 -21.01
C LYS A 46 -8.39 3.34 -21.96
N GLU A 47 -7.44 4.22 -21.64
CA GLU A 47 -6.28 4.45 -22.49
C GLU A 47 -5.22 3.37 -22.30
N CYS A 48 -4.99 2.96 -21.07
CA CYS A 48 -3.97 1.94 -20.79
C CYS A 48 -4.13 1.28 -19.42
N HIS A 49 -4.17 -0.04 -19.41
CA HIS A 49 -4.33 -0.75 -18.15
C HIS A 49 -3.68 -2.14 -18.18
N ILE A 50 -3.50 -2.72 -17.00
CA ILE A 50 -2.90 -4.02 -16.83
C ILE A 50 -3.86 -5.14 -17.26
N PRO A 51 -3.34 -6.16 -17.99
CA PRO A 51 -4.15 -7.29 -18.46
C PRO A 51 -4.95 -7.92 -17.34
N THR A 52 -6.20 -8.28 -17.65
CA THR A 52 -7.11 -8.90 -16.71
C THR A 52 -7.63 -7.96 -15.63
N ALA A 53 -7.24 -6.69 -15.67
CA ALA A 53 -7.70 -5.76 -14.64
C ALA A 53 -9.05 -5.11 -14.90
N ILE A 54 -9.83 -4.92 -13.85
CA ILE A 54 -11.12 -4.27 -14.00
C ILE A 54 -11.00 -2.83 -13.55
N SER A 55 -11.92 -1.99 -13.99
CA SER A 55 -11.87 -0.60 -13.60
C SER A 55 -12.84 -0.23 -12.52
N ILE A 56 -12.33 0.42 -11.49
CA ILE A 56 -13.16 0.89 -10.39
C ILE A 56 -12.40 2.05 -9.77
N PRO A 57 -12.65 3.27 -10.26
CA PRO A 57 -11.97 4.45 -9.72
C PRO A 57 -12.10 4.47 -8.20
N GLY A 58 -11.01 4.86 -7.53
CA GLY A 58 -11.01 4.90 -6.08
C GLY A 58 -12.21 5.54 -5.40
N ASN A 59 -12.65 6.69 -5.90
CA ASN A 59 -13.78 7.39 -5.31
C ASN A 59 -15.12 6.76 -5.68
N LYS A 60 -15.08 5.61 -6.33
CA LYS A 60 -16.31 4.93 -6.71
C LYS A 60 -16.42 3.54 -6.08
N ILE A 61 -15.52 3.24 -5.15
CA ILE A 61 -15.54 1.96 -4.48
C ILE A 61 -16.58 1.94 -3.37
N ASN A 62 -17.58 1.08 -3.52
CA ASN A 62 -18.65 0.96 -2.52
C ASN A 62 -19.35 -0.38 -2.72
N GLU A 63 -20.45 -0.59 -2.00
CA GLU A 63 -21.20 -1.85 -2.09
C GLU A 63 -21.79 -2.14 -3.46
N ASP A 64 -22.15 -1.09 -4.20
CA ASP A 64 -22.76 -1.22 -5.52
C ASP A 64 -21.74 -1.56 -6.61
N THR A 65 -20.61 -0.87 -6.56
CA THR A 65 -19.59 -1.05 -7.56
C THR A 65 -18.79 -2.35 -7.41
N THR A 66 -18.97 -3.03 -6.28
CA THR A 66 -18.27 -4.28 -6.01
C THR A 66 -19.22 -5.42 -5.69
N LYS A 67 -20.49 -5.28 -6.06
CA LYS A 67 -21.49 -6.31 -5.77
C LYS A 67 -21.19 -7.65 -6.42
N ARG A 68 -20.43 -7.63 -7.49
CA ARG A 68 -20.12 -8.84 -8.20
C ARG A 68 -18.78 -9.44 -7.82
N LEU A 69 -18.10 -8.85 -6.85
CA LEU A 69 -16.78 -9.38 -6.46
C LEU A 69 -16.82 -10.37 -5.30
N SER A 70 -16.20 -11.52 -5.46
CA SER A 70 -16.22 -12.51 -4.39
C SER A 70 -15.26 -12.21 -3.24
N LYS A 71 -15.76 -12.32 -2.00
CA LYS A 71 -14.95 -12.08 -0.81
C LYS A 71 -14.01 -13.26 -0.56
N GLU A 72 -14.08 -14.27 -1.45
CA GLU A 72 -13.25 -15.45 -1.34
C GLU A 72 -11.90 -15.21 -2.01
N LYS A 73 -11.84 -14.26 -2.94
CA LYS A 73 -10.60 -13.97 -3.62
C LYS A 73 -9.87 -12.81 -2.93
N VAL A 74 -8.70 -12.45 -3.44
CA VAL A 74 -7.93 -11.34 -2.88
C VAL A 74 -7.94 -10.19 -3.85
N ILE A 75 -8.20 -9.00 -3.34
CA ILE A 75 -8.25 -7.80 -4.17
C ILE A 75 -6.86 -7.19 -4.27
N ILE A 76 -6.40 -6.94 -5.49
CA ILE A 76 -5.10 -6.33 -5.70
C ILE A 76 -5.40 -4.95 -6.30
N THR A 77 -5.08 -3.88 -5.57
CA THR A 77 -5.32 -2.53 -6.08
C THR A 77 -4.05 -1.86 -6.60
N TYR A 78 -4.20 -1.02 -7.61
CA TYR A 78 -3.04 -0.33 -8.15
C TYR A 78 -3.42 1.04 -8.71
N CYS A 79 -2.50 1.99 -8.58
CA CYS A 79 -2.67 3.37 -9.05
C CYS A 79 -1.53 3.64 -10.03
N TRP A 80 -1.19 4.90 -10.26
CA TRP A 80 -0.11 5.25 -11.19
C TRP A 80 1.27 4.69 -10.85
N GLY A 81 1.72 4.94 -9.63
CA GLY A 81 3.03 4.46 -9.22
C GLY A 81 3.40 4.77 -7.79
N PRO A 82 4.70 4.80 -7.49
CA PRO A 82 5.25 5.09 -6.15
C PRO A 82 4.82 6.43 -5.59
N ALA A 83 4.64 7.40 -6.48
CA ALA A 83 4.25 8.75 -6.06
C ALA A 83 2.76 8.96 -5.85
N CYS A 84 1.97 7.89 -6.00
CA CYS A 84 0.53 7.97 -5.82
C CYS A 84 0.13 7.21 -4.56
N ASN A 85 -0.94 7.64 -3.91
CA ASN A 85 -1.43 7.02 -2.68
C ASN A 85 -2.79 6.38 -2.94
N GLY A 86 -3.26 6.50 -4.17
CA GLY A 86 -4.54 5.96 -4.56
C GLY A 86 -4.73 4.50 -4.18
N ALA A 87 -3.76 3.65 -4.49
CA ALA A 87 -3.87 2.23 -4.17
C ALA A 87 -4.11 2.01 -2.69
N THR A 88 -3.42 2.78 -1.85
CA THR A 88 -3.55 2.67 -0.41
C THR A 88 -4.94 3.11 0.06
N LYS A 89 -5.46 4.18 -0.51
CA LYS A 89 -6.79 4.66 -0.11
C LYS A 89 -7.84 3.62 -0.51
N ALA A 90 -7.64 3.01 -1.66
CA ALA A 90 -8.57 1.99 -2.15
C ALA A 90 -8.56 0.78 -1.22
N ALA A 91 -7.36 0.32 -0.84
CA ALA A 91 -7.23 -0.83 0.03
C ALA A 91 -8.07 -0.65 1.29
N ALA A 92 -7.98 0.53 1.89
CA ALA A 92 -8.75 0.80 3.08
C ALA A 92 -10.25 0.66 2.80
N LYS A 93 -10.72 1.23 1.70
CA LYS A 93 -12.12 1.11 1.38
C LYS A 93 -12.49 -0.33 1.14
N PHE A 94 -11.68 -1.05 0.37
CA PHE A 94 -12.01 -2.46 0.14
C PHE A 94 -12.09 -3.19 1.45
N ALA A 95 -11.13 -2.93 2.33
CA ALA A 95 -11.11 -3.59 3.62
C ALA A 95 -12.38 -3.28 4.40
N GLN A 96 -12.82 -2.04 4.37
CA GLN A 96 -14.01 -1.66 5.10
C GLN A 96 -15.23 -2.42 4.59
N LEU A 97 -15.18 -2.81 3.32
CA LEU A 97 -16.26 -3.57 2.71
C LEU A 97 -16.10 -5.06 2.96
N GLY A 98 -15.17 -5.44 3.82
CA GLY A 98 -14.97 -6.84 4.13
C GLY A 98 -14.13 -7.68 3.16
N PHE A 99 -13.29 -7.03 2.37
CA PHE A 99 -12.45 -7.77 1.44
C PHE A 99 -11.05 -7.96 1.96
N ARG A 100 -10.36 -8.95 1.41
CA ARG A 100 -8.97 -9.20 1.75
C ARG A 100 -8.27 -8.45 0.62
N VAL A 101 -7.38 -7.52 0.96
CA VAL A 101 -6.73 -6.70 -0.05
C VAL A 101 -5.23 -6.42 0.12
N LYS A 102 -4.53 -6.34 -1.00
CA LYS A 102 -3.11 -6.05 -1.02
C LYS A 102 -2.94 -4.94 -2.05
N GLU A 103 -2.02 -4.01 -1.80
CA GLU A 103 -1.80 -2.93 -2.76
C GLU A 103 -0.57 -3.26 -3.58
N LEU A 104 -0.62 -2.97 -4.87
CA LEU A 104 0.51 -3.25 -5.74
C LEU A 104 1.52 -2.12 -5.63
N ILE A 105 2.77 -2.46 -5.33
CA ILE A 105 3.79 -1.43 -5.24
C ILE A 105 4.44 -1.28 -6.60
N GLY A 106 4.57 -0.05 -7.06
CA GLY A 106 5.17 0.18 -8.36
C GLY A 106 4.16 0.71 -9.36
N GLY A 107 2.90 0.35 -9.15
CA GLY A 107 1.83 0.81 -10.04
C GLY A 107 1.98 0.37 -11.48
N ILE A 108 1.16 0.96 -12.34
CA ILE A 108 1.21 0.62 -13.74
C ILE A 108 2.48 1.19 -14.35
N GLU A 109 3.05 2.19 -13.67
CA GLU A 109 4.28 2.81 -14.16
C GLU A 109 5.37 1.77 -14.28
N TYR A 110 5.63 1.04 -13.20
CA TYR A 110 6.67 0.03 -13.23
C TYR A 110 6.26 -1.24 -13.94
N TRP A 111 4.96 -1.47 -14.06
CA TRP A 111 4.49 -2.65 -14.76
C TRP A 111 4.98 -2.48 -16.19
N ARG A 112 4.93 -1.24 -16.67
CA ARG A 112 5.38 -0.95 -18.01
C ARG A 112 6.90 -0.90 -18.08
N LYS A 113 7.54 -0.21 -17.14
CA LYS A 113 8.98 -0.13 -17.13
C LYS A 113 9.59 -1.51 -17.12
N GLU A 114 8.94 -2.45 -16.42
CA GLU A 114 9.44 -3.80 -16.34
C GLU A 114 9.08 -4.62 -17.57
N ASN A 115 8.71 -3.89 -18.62
CA ASN A 115 8.37 -4.47 -19.91
C ASN A 115 7.12 -5.34 -19.91
N GLY A 116 6.09 -4.89 -19.21
CA GLY A 116 4.86 -5.64 -19.16
C GLY A 116 3.94 -5.23 -20.31
N GLU A 117 3.00 -6.10 -20.65
CA GLU A 117 2.05 -5.81 -21.74
C GLU A 117 0.90 -4.97 -21.22
N VAL A 118 0.35 -4.12 -22.07
CA VAL A 118 -0.76 -3.28 -21.67
C VAL A 118 -1.90 -3.35 -22.68
N GLU A 119 -3.12 -3.08 -22.21
CA GLU A 119 -4.29 -3.10 -23.09
C GLU A 119 -4.98 -1.74 -23.00
N GLY A 120 -5.74 -1.40 -24.03
CA GLY A 120 -6.43 -0.12 -24.02
C GLY A 120 -6.48 0.56 -25.37
N THR A 121 -6.95 1.80 -25.35
CA THR A 121 -7.08 2.59 -26.57
C THR A 121 -5.75 3.12 -27.08
N LEU A 122 -4.84 3.41 -26.16
CA LEU A 122 -3.53 3.93 -26.51
C LEU A 122 -2.41 2.92 -26.25
N GLY A 123 -2.58 2.09 -25.23
CA GLY A 123 -1.56 1.12 -24.92
C GLY A 123 -0.25 1.77 -24.52
N ALA A 124 0.85 1.27 -25.09
CA ALA A 124 2.18 1.80 -24.79
C ALA A 124 2.38 3.25 -25.23
N LYS A 125 1.38 3.83 -25.88
CA LYS A 125 1.48 5.21 -26.33
C LYS A 125 0.93 6.16 -25.27
N ALA A 126 0.33 5.61 -24.22
CA ALA A 126 -0.24 6.42 -23.14
C ALA A 126 0.84 7.04 -22.24
N ASP A 127 0.49 8.15 -21.59
CA ASP A 127 1.45 8.81 -20.70
C ASP A 127 1.90 7.86 -19.59
N LEU A 128 3.19 7.91 -19.25
CA LEU A 128 3.74 7.04 -18.21
C LEU A 128 3.42 7.58 -16.83
N PHE A 129 3.19 8.89 -16.73
CA PHE A 129 2.90 9.51 -15.44
C PHE A 129 1.61 10.30 -15.44
N TRP A 130 1.06 10.48 -14.25
CA TRP A 130 -0.16 11.26 -14.09
C TRP A 130 0.21 12.71 -14.39
N ASN A 131 -0.61 13.41 -15.15
CA ASN A 131 -0.30 14.79 -15.49
C ASN A 131 -1.15 15.76 -14.66
N MSE A 132 -0.52 16.33 -13.63
CA MSE A 132 -1.16 17.25 -12.72
C MSE A 132 -1.87 18.43 -13.38
O MSE A 132 -2.81 19.01 -12.81
CB MSE A 132 -0.10 17.79 -11.75
CG MSE A 132 -0.53 18.86 -10.79
SE MSE A 132 1.05 19.70 -10.12
CE MSE A 132 1.85 18.20 -9.21
N LYS A 133 -1.42 18.79 -14.58
CA LYS A 133 -1.99 19.91 -15.31
C LYS A 133 -2.98 19.50 -16.40
N LYS A 134 -2.96 18.23 -16.79
CA LYS A 134 -3.84 17.73 -17.85
C LYS A 134 -5.30 18.19 -17.71
N GLU A 135 -5.80 18.20 -16.49
CA GLU A 135 -7.17 18.64 -16.26
C GLU A 135 -7.19 20.12 -15.90
N ASN B 2 -7.19 -10.17 8.93
CA ASN B 2 -8.66 -9.91 8.86
C ASN B 2 -8.96 -8.46 8.45
N PRO B 3 -10.09 -8.24 7.74
CA PRO B 3 -10.52 -6.92 7.29
C PRO B 3 -10.40 -5.78 8.30
N ASN B 4 -10.80 -6.03 9.54
CA ASN B 4 -10.72 -5.01 10.58
C ASN B 4 -9.31 -4.46 10.76
N GLU B 5 -8.39 -5.34 11.10
CA GLU B 5 -7.00 -4.94 11.30
C GLU B 5 -6.47 -4.30 10.01
N ALA B 6 -6.84 -4.89 8.88
CA ALA B 6 -6.42 -4.39 7.57
C ALA B 6 -6.79 -2.91 7.41
N TYR B 7 -8.04 -2.58 7.74
CA TYR B 7 -8.51 -1.22 7.65
C TYR B 7 -7.68 -0.29 8.53
N ARG B 8 -7.43 -0.71 9.77
CA ARG B 8 -6.65 0.11 10.70
C ARG B 8 -5.26 0.36 10.15
N HIS B 9 -4.66 -0.67 9.58
CA HIS B 9 -3.32 -0.58 9.00
C HIS B 9 -3.22 0.46 7.89
N TYR B 10 -4.06 0.30 6.88
CA TYR B 10 -4.08 1.21 5.75
C TYR B 10 -4.39 2.66 6.15
N MSE B 11 -5.32 2.82 7.09
CA MSE B 11 -5.66 4.15 7.55
C MSE B 11 -4.48 4.80 8.27
O MSE B 11 -4.23 5.99 8.12
CB MSE B 11 -6.89 4.09 8.46
CG MSE B 11 -8.20 3.79 7.73
SE MSE B 11 -8.60 5.10 6.35
CE MSE B 11 -9.27 6.54 7.46
N LYS B 12 -3.75 4.01 9.06
CA LYS B 12 -2.60 4.55 9.79
C LYS B 12 -1.46 4.92 8.85
N LYS B 13 -1.27 4.12 7.81
CA LYS B 13 -0.20 4.39 6.86
C LYS B 13 -0.43 5.77 6.23
N LEU B 14 -1.68 6.05 5.84
CA LEU B 14 -2.04 7.34 5.23
C LEU B 14 -1.89 8.51 6.19
N SER B 15 -2.12 8.27 7.48
CA SER B 15 -2.03 9.31 8.50
C SER B 15 -0.61 9.85 8.68
N TYR B 16 0.38 9.20 8.08
CA TYR B 16 1.76 9.66 8.20
C TYR B 16 2.33 10.14 6.88
N GLU B 17 1.50 10.25 5.85
CA GLU B 17 2.00 10.67 4.55
C GLU B 17 0.98 11.37 3.66
N THR B 18 1.47 11.84 2.53
CA THR B 18 0.65 12.51 1.55
C THR B 18 1.36 12.36 0.22
N ASP B 19 0.60 12.38 -0.87
CA ASP B 19 1.21 12.21 -2.17
C ASP B 19 1.16 13.48 -3.02
N ILE B 20 1.86 13.43 -4.15
CA ILE B 20 1.92 14.56 -5.07
C ILE B 20 0.55 15.12 -5.38
N ALA B 21 -0.38 14.25 -5.74
CA ALA B 21 -1.73 14.66 -6.07
C ALA B 21 -2.35 15.49 -4.95
N ASP B 22 -2.36 14.95 -3.75
CA ASP B 22 -2.95 15.66 -2.63
C ASP B 22 -2.29 17.01 -2.34
N LEU B 23 -0.97 17.06 -2.47
CA LEU B 23 -0.24 18.30 -2.22
C LEU B 23 -0.59 19.33 -3.29
N SER B 24 -0.67 18.89 -4.55
CA SER B 24 -0.99 19.78 -5.65
C SER B 24 -2.35 20.42 -5.46
N ILE B 25 -3.28 19.66 -4.91
CA ILE B 25 -4.60 20.20 -4.68
C ILE B 25 -4.56 21.22 -3.57
N ASP B 26 -3.68 21.01 -2.60
CA ASP B 26 -3.54 21.93 -1.48
C ASP B 26 -2.90 23.25 -1.91
N ILE B 27 -1.88 23.15 -2.77
CA ILE B 27 -1.19 24.32 -3.27
C ILE B 27 -2.11 25.14 -4.16
N LYS B 28 -2.89 24.46 -4.98
CA LYS B 28 -3.80 25.12 -5.88
C LYS B 28 -4.99 25.77 -5.18
N LYS B 29 -5.56 25.08 -4.18
CA LYS B 29 -6.71 25.60 -3.42
C LYS B 29 -6.29 26.64 -2.37
N GLY B 30 -4.98 26.87 -2.25
CA GLY B 30 -4.50 27.84 -1.28
C GLY B 30 -4.76 27.45 0.16
N TYR B 31 -4.76 26.16 0.46
CA TYR B 31 -4.99 25.69 1.81
C TYR B 31 -3.83 26.17 2.67
N GLU B 32 -4.13 26.75 3.82
CA GLU B 32 -3.10 27.26 4.70
C GLU B 32 -2.88 26.41 5.94
N GLY B 33 -3.54 25.25 5.98
CA GLY B 33 -3.41 24.36 7.11
C GLY B 33 -2.14 23.52 7.07
N ILE B 34 -1.30 23.74 6.06
CA ILE B 34 -0.06 22.98 5.94
C ILE B 34 1.15 23.88 5.73
N ILE B 35 2.33 23.36 6.05
CA ILE B 35 3.56 24.09 5.88
C ILE B 35 4.53 23.15 5.18
N VAL B 36 4.72 23.37 3.89
CA VAL B 36 5.63 22.52 3.12
C VAL B 36 7.09 22.89 3.44
N VAL B 37 7.84 21.91 3.95
CA VAL B 37 9.24 22.11 4.31
C VAL B 37 10.19 21.25 3.48
N ASP B 38 11.10 21.90 2.74
CA ASP B 38 12.09 21.21 1.93
C ASP B 38 13.24 20.91 2.89
N VAL B 39 13.52 19.62 3.08
CA VAL B 39 14.55 19.16 4.00
C VAL B 39 15.92 18.94 3.38
N ARG B 40 16.01 19.05 2.05
CA ARG B 40 17.29 18.84 1.39
C ARG B 40 18.29 19.94 1.72
N ASP B 41 19.44 19.89 1.03
CA ASP B 41 20.48 20.89 1.22
C ASP B 41 20.00 22.25 0.76
N ALA B 42 20.39 23.30 1.48
CA ALA B 42 19.98 24.67 1.14
C ALA B 42 20.18 25.01 -0.34
N GLU B 43 21.36 24.71 -0.86
CA GLU B 43 21.68 25.00 -2.25
C GLU B 43 20.64 24.38 -3.18
N ALA B 44 20.30 23.11 -2.94
CA ALA B 44 19.32 22.40 -3.75
C ALA B 44 18.00 23.15 -3.79
N TYR B 45 17.56 23.62 -2.63
CA TYR B 45 16.30 24.36 -2.53
C TYR B 45 16.35 25.63 -3.35
N LYS B 46 17.41 26.43 -3.15
CA LYS B 46 17.56 27.70 -3.87
C LYS B 46 17.54 27.51 -5.39
N GLU B 47 17.96 26.34 -5.86
CA GLU B 47 17.99 26.06 -7.30
C GLU B 47 16.61 25.66 -7.83
N CYS B 48 16.00 24.69 -7.15
CA CYS B 48 14.69 24.18 -7.55
C CYS B 48 13.91 23.61 -6.35
N HIS B 49 12.73 24.17 -6.11
CA HIS B 49 11.90 23.70 -5.00
C HIS B 49 10.42 23.80 -5.29
N ILE B 50 9.61 23.26 -4.38
CA ILE B 50 8.17 23.27 -4.55
C ILE B 50 7.54 24.59 -4.09
N PRO B 51 6.65 25.15 -4.89
CA PRO B 51 5.98 26.40 -4.53
C PRO B 51 5.39 26.40 -3.12
N THR B 52 5.53 27.53 -2.42
CA THR B 52 5.05 27.74 -1.06
C THR B 52 5.84 26.97 0.00
N ALA B 53 7.00 26.46 -0.38
CA ALA B 53 7.82 25.71 0.55
C ALA B 53 9.00 26.47 1.12
N ILE B 54 9.21 26.33 2.43
CA ILE B 54 10.32 26.98 3.10
C ILE B 54 11.50 26.02 3.21
N SER B 55 12.71 26.56 3.26
CA SER B 55 13.91 25.75 3.36
C SER B 55 14.38 25.53 4.79
N ILE B 56 14.47 24.27 5.19
CA ILE B 56 14.93 23.93 6.53
C ILE B 56 15.65 22.59 6.44
N PRO B 57 16.94 22.60 6.05
CA PRO B 57 17.72 21.36 5.94
C PRO B 57 17.53 20.43 7.13
N GLY B 58 17.39 19.13 6.85
CA GLY B 58 17.18 18.15 7.92
C GLY B 58 18.14 18.23 9.10
N ASN B 59 19.43 18.31 8.82
CA ASN B 59 20.43 18.37 9.87
C ASN B 59 20.34 19.69 10.65
N LYS B 60 19.59 20.66 10.13
CA LYS B 60 19.43 21.95 10.80
C LYS B 60 18.06 22.15 11.45
N ILE B 61 17.34 21.06 11.69
CA ILE B 61 16.01 21.13 12.30
C ILE B 61 16.08 21.09 13.82
N ASN B 62 15.50 22.11 14.47
CA ASN B 62 15.50 22.20 15.93
C ASN B 62 14.53 23.27 16.37
N GLU B 63 14.53 23.59 17.67
CA GLU B 63 13.62 24.60 18.18
C GLU B 63 13.92 26.04 17.73
N ASP B 64 15.16 26.28 17.31
CA ASP B 64 15.57 27.61 16.84
C ASP B 64 15.02 27.91 15.45
N THR B 65 15.06 26.90 14.60
CA THR B 65 14.61 27.06 13.24
C THR B 65 13.11 26.85 13.05
N THR B 66 12.45 26.28 14.05
CA THR B 66 11.03 26.02 13.94
C THR B 66 10.18 26.86 14.88
N LYS B 67 10.83 27.77 15.60
CA LYS B 67 10.13 28.64 16.55
C LYS B 67 9.00 29.44 15.93
N ARG B 68 9.22 29.96 14.72
CA ARG B 68 8.19 30.77 14.08
C ARG B 68 7.13 29.97 13.31
N LEU B 69 7.09 28.65 13.51
CA LEU B 69 6.12 27.80 12.81
C LEU B 69 4.96 27.43 13.72
N SER B 70 3.74 27.61 13.23
CA SER B 70 2.55 27.31 14.02
C SER B 70 2.30 25.82 14.27
N LYS B 71 2.01 25.49 15.53
CA LYS B 71 1.72 24.11 15.93
C LYS B 71 0.29 23.73 15.57
N GLU B 72 -0.49 24.70 15.11
CA GLU B 72 -1.87 24.43 14.75
C GLU B 72 -1.97 23.87 13.34
N LYS B 73 -0.91 24.07 12.56
CA LYS B 73 -0.87 23.60 11.19
C LYS B 73 -0.23 22.22 11.11
N VAL B 74 -0.01 21.73 9.89
CA VAL B 74 0.62 20.43 9.71
C VAL B 74 1.86 20.58 8.85
N ILE B 75 2.96 19.95 9.25
CA ILE B 75 4.21 20.03 8.49
C ILE B 75 4.31 18.88 7.47
N ILE B 76 4.66 19.25 6.24
CA ILE B 76 4.82 18.28 5.15
C ILE B 76 6.27 18.35 4.72
N THR B 77 7.01 17.26 4.92
CA THR B 77 8.42 17.23 4.55
C THR B 77 8.62 16.52 3.23
N TYR B 78 9.63 16.94 2.48
CA TYR B 78 9.94 16.27 1.22
C TYR B 78 11.42 16.32 0.93
N CYS B 79 11.94 15.22 0.40
CA CYS B 79 13.36 15.12 0.05
C CYS B 79 13.41 14.97 -1.46
N TRP B 80 14.48 14.38 -1.99
CA TRP B 80 14.60 14.21 -3.42
C TRP B 80 13.54 13.29 -4.00
N GLY B 81 13.46 12.07 -3.50
CA GLY B 81 12.49 11.12 -4.01
C GLY B 81 12.39 9.81 -3.24
N PRO B 82 11.86 8.75 -3.88
CA PRO B 82 11.68 7.40 -3.33
C PRO B 82 12.89 6.79 -2.65
N ALA B 83 14.06 7.07 -3.21
CA ALA B 83 15.31 6.51 -2.68
C ALA B 83 15.93 7.36 -1.58
N CYS B 84 15.13 8.21 -0.95
CA CYS B 84 15.67 9.05 0.10
C CYS B 84 14.96 8.85 1.44
N ASN B 85 15.70 9.05 2.53
CA ASN B 85 15.19 8.91 3.89
C ASN B 85 15.06 10.26 4.57
N GLY B 86 15.55 11.29 3.90
CA GLY B 86 15.51 12.63 4.44
C GLY B 86 14.20 13.06 5.07
N ALA B 87 13.12 12.95 4.29
CA ALA B 87 11.80 13.34 4.78
C ALA B 87 11.39 12.54 6.00
N THR B 88 11.75 11.27 6.04
CA THR B 88 11.39 10.43 7.18
C THR B 88 12.18 10.84 8.42
N LYS B 89 13.48 11.08 8.26
CA LYS B 89 14.27 11.50 9.42
C LYS B 89 13.71 12.84 9.90
N ALA B 90 13.35 13.70 8.94
CA ALA B 90 12.81 15.01 9.26
C ALA B 90 11.50 14.91 10.03
N ALA B 91 10.59 14.04 9.57
CA ALA B 91 9.32 13.88 10.24
C ALA B 91 9.54 13.57 11.71
N ALA B 92 10.47 12.65 11.98
CA ALA B 92 10.78 12.27 13.36
C ALA B 92 11.17 13.48 14.22
N LYS B 93 12.12 14.27 13.74
CA LYS B 93 12.55 15.44 14.50
C LYS B 93 11.38 16.37 14.76
N PHE B 94 10.59 16.65 13.72
CA PHE B 94 9.44 17.52 13.88
C PHE B 94 8.46 16.95 14.90
N ALA B 95 8.30 15.64 14.89
CA ALA B 95 7.39 15.00 15.83
C ALA B 95 7.92 15.12 17.25
N GLN B 96 9.24 15.17 17.39
CA GLN B 96 9.86 15.29 18.70
C GLN B 96 9.65 16.72 19.22
N LEU B 97 9.58 17.68 18.31
CA LEU B 97 9.39 19.08 18.69
C LEU B 97 7.92 19.39 18.99
N GLY B 98 7.06 18.37 18.93
CA GLY B 98 5.64 18.57 19.21
C GLY B 98 4.75 18.91 18.03
N PHE B 99 5.32 18.95 16.82
CA PHE B 99 4.56 19.26 15.61
C PHE B 99 3.81 18.06 15.02
N ARG B 100 2.74 18.35 14.26
CA ARG B 100 1.97 17.31 13.58
C ARG B 100 2.65 17.31 12.21
N VAL B 101 3.00 16.14 11.71
CA VAL B 101 3.73 16.07 10.46
C VAL B 101 3.42 14.84 9.60
N LYS B 102 3.62 14.99 8.30
CA LYS B 102 3.44 13.93 7.31
C LYS B 102 4.57 14.09 6.29
N GLU B 103 5.04 12.97 5.72
CA GLU B 103 6.10 13.03 4.72
C GLU B 103 5.49 12.86 3.34
N LEU B 104 6.09 13.53 2.36
CA LEU B 104 5.62 13.48 0.98
C LEU B 104 6.33 12.37 0.21
N ILE B 105 5.56 11.37 -0.23
CA ILE B 105 6.14 10.27 -1.00
C ILE B 105 6.34 10.74 -2.44
N GLY B 106 7.50 10.41 -3.00
CA GLY B 106 7.80 10.82 -4.36
C GLY B 106 8.77 11.98 -4.39
N GLY B 107 8.77 12.75 -3.31
CA GLY B 107 9.67 13.90 -3.23
C GLY B 107 9.45 14.87 -4.38
N ILE B 108 10.46 15.67 -4.66
CA ILE B 108 10.37 16.65 -5.73
C ILE B 108 10.57 15.97 -7.07
N GLU B 109 11.19 14.79 -7.04
CA GLU B 109 11.40 14.06 -8.25
C GLU B 109 10.08 13.78 -8.94
N TYR B 110 9.16 13.11 -8.25
CA TYR B 110 7.88 12.80 -8.86
C TYR B 110 6.95 14.01 -8.96
N TRP B 111 7.28 15.08 -8.23
CA TRP B 111 6.47 16.28 -8.30
C TRP B 111 6.66 16.90 -9.67
N ARG B 112 7.91 16.91 -10.12
CA ARG B 112 8.25 17.46 -11.42
C ARG B 112 7.81 16.49 -12.53
N LYS B 113 7.99 15.20 -12.32
CA LYS B 113 7.57 14.22 -13.32
C LYS B 113 6.06 14.33 -13.55
N GLU B 114 5.30 14.59 -12.49
CA GLU B 114 3.87 14.72 -12.63
C GLU B 114 3.50 16.11 -13.13
N ASN B 115 4.44 16.74 -13.83
CA ASN B 115 4.27 18.07 -14.41
C ASN B 115 3.97 19.15 -13.39
N GLY B 116 4.78 19.24 -12.34
CA GLY B 116 4.55 20.26 -11.33
C GLY B 116 5.41 21.48 -11.60
N GLU B 117 4.94 22.66 -11.19
CA GLU B 117 5.70 23.88 -11.40
C GLU B 117 6.85 23.98 -10.40
N VAL B 118 7.97 24.57 -10.82
CA VAL B 118 9.13 24.71 -9.94
C VAL B 118 9.61 26.15 -9.87
N GLU B 119 10.07 26.56 -8.69
CA GLU B 119 10.58 27.92 -8.50
C GLU B 119 12.03 27.83 -8.06
N GLY B 120 12.84 28.78 -8.51
CA GLY B 120 14.24 28.78 -8.15
C GLY B 120 15.17 29.29 -9.23
N THR B 121 16.47 29.08 -9.02
CA THR B 121 17.49 29.52 -9.95
C THR B 121 17.45 28.77 -11.27
N LEU B 122 17.63 27.45 -11.21
CA LEU B 122 17.62 26.64 -12.42
C LEU B 122 16.23 26.16 -12.78
N GLY B 123 15.31 26.27 -11.84
CA GLY B 123 13.94 25.82 -12.09
C GLY B 123 13.87 24.43 -12.68
N ALA B 124 13.20 24.32 -13.83
CA ALA B 124 13.03 23.04 -14.50
C ALA B 124 14.34 22.53 -15.11
N LYS B 125 15.41 23.31 -15.00
CA LYS B 125 16.69 22.89 -15.57
C LYS B 125 17.62 22.28 -14.53
N ALA B 126 17.23 22.38 -13.26
CA ALA B 126 18.01 21.82 -12.17
C ALA B 126 18.09 20.30 -12.30
N ASP B 127 19.04 19.70 -11.58
CA ASP B 127 19.18 18.25 -11.64
C ASP B 127 17.94 17.57 -11.08
N LEU B 128 17.61 16.42 -11.66
CA LEU B 128 16.44 15.68 -11.23
C LEU B 128 16.78 14.75 -10.08
N PHE B 129 17.96 14.17 -10.12
CA PHE B 129 18.39 13.24 -9.09
C PHE B 129 19.55 13.77 -8.25
N TRP B 130 19.72 13.19 -7.07
CA TRP B 130 20.80 13.54 -6.16
C TRP B 130 22.09 12.99 -6.77
N ASN B 131 23.15 13.80 -6.77
CA ASN B 131 24.45 13.41 -7.33
C ASN B 131 25.40 12.95 -6.23
N MSE B 132 25.68 11.65 -6.20
CA MSE B 132 26.55 11.06 -5.19
C MSE B 132 27.97 11.63 -5.21
O MSE B 132 28.69 11.57 -4.21
CB MSE B 132 26.61 9.56 -5.41
CG MSE B 132 27.25 8.77 -4.31
SE MSE B 132 27.35 6.90 -4.83
CE MSE B 132 25.46 6.47 -4.77
N LYS B 133 28.38 12.18 -6.35
CA LYS B 133 29.71 12.73 -6.47
C LYS B 133 29.77 14.20 -6.05
N LYS B 134 28.72 14.96 -6.38
CA LYS B 134 28.68 16.37 -6.02
C LYS B 134 28.92 16.62 -4.53
N GLU B 135 28.74 15.59 -3.71
CA GLU B 135 28.95 15.74 -2.28
C GLU B 135 30.37 16.13 -1.94
N SER B 136 31.34 15.34 -2.39
CA SER B 136 32.74 15.67 -2.14
C SER B 136 33.03 17.08 -2.68
N LEU B 137 32.31 17.48 -3.73
CA LEU B 137 32.50 18.81 -4.32
C LEU B 137 31.58 19.89 -3.69
N GLU B 138 31.03 19.56 -2.53
CA GLU B 138 30.16 20.48 -1.76
C GLU B 138 29.95 19.94 -0.34
N ALA C 1 -1.40 11.09 13.74
CA ALA C 1 -1.78 11.14 15.20
C ALA C 1 -0.96 12.15 15.99
N ASN C 2 -0.95 11.98 17.31
CA ASN C 2 -0.19 12.87 18.18
C ASN C 2 1.31 12.65 17.98
N PRO C 3 2.12 13.67 18.31
CA PRO C 3 3.58 13.60 18.17
C PRO C 3 4.24 12.36 18.77
N ASN C 4 3.83 11.97 19.97
CA ASN C 4 4.40 10.79 20.63
C ASN C 4 4.29 9.55 19.75
N GLU C 5 3.09 9.31 19.22
CA GLU C 5 2.85 8.16 18.37
C GLU C 5 3.56 8.32 17.02
N ALA C 6 3.63 9.56 16.53
CA ALA C 6 4.29 9.82 15.25
C ALA C 6 5.78 9.57 15.34
N TYR C 7 6.39 10.03 16.43
CA TYR C 7 7.82 9.85 16.63
C TYR C 7 8.16 8.36 16.58
N ARG C 8 7.46 7.56 17.36
CA ARG C 8 7.71 6.12 17.41
C ARG C 8 7.65 5.51 16.01
N HIS C 9 6.57 5.82 15.28
CA HIS C 9 6.40 5.31 13.93
C HIS C 9 7.61 5.59 13.04
N TYR C 10 7.94 6.86 12.85
CA TYR C 10 9.05 7.21 11.98
C TYR C 10 10.40 6.61 12.40
N MSE C 11 10.68 6.58 13.70
CA MSE C 11 11.93 6.01 14.17
C MSE C 11 11.94 4.52 13.86
O MSE C 11 12.93 4.01 13.32
CB MSE C 11 12.08 6.24 15.68
CG MSE C 11 12.38 7.68 16.07
SE MSE C 11 14.00 8.36 15.25
CE MSE C 11 15.31 7.46 16.40
N LYS C 12 10.86 3.83 14.17
CA LYS C 12 10.77 2.40 13.90
C LYS C 12 11.05 2.17 12.41
N LYS C 13 10.31 2.85 11.55
CA LYS C 13 10.49 2.71 10.12
C LYS C 13 11.97 2.88 9.75
N LEU C 14 12.63 3.89 10.30
CA LEU C 14 14.03 4.09 9.99
C LEU C 14 14.92 2.96 10.48
N SER C 15 14.46 2.22 11.48
CA SER C 15 15.30 1.16 12.02
C SER C 15 15.34 -0.11 11.16
N TYR C 16 14.39 -0.24 10.24
CA TYR C 16 14.35 -1.42 9.38
C TYR C 16 14.85 -1.16 7.96
N GLU C 17 15.26 0.07 7.67
CA GLU C 17 15.73 0.39 6.34
C GLU C 17 16.86 1.40 6.28
N THR C 18 17.30 1.69 5.06
CA THR C 18 18.37 2.63 4.80
C THR C 18 18.33 3.03 3.32
N ASP C 19 18.73 4.26 3.02
CA ASP C 19 18.70 4.75 1.65
C ASP C 19 20.05 4.76 0.93
N ILE C 20 20.00 5.08 -0.35
CA ILE C 20 21.18 5.14 -1.19
C ILE C 20 22.25 6.05 -0.59
N ALA C 21 21.81 7.15 0.02
CA ALA C 21 22.73 8.10 0.62
C ALA C 21 23.57 7.47 1.72
N ASP C 22 22.92 6.99 2.78
CA ASP C 22 23.64 6.37 3.88
C ASP C 22 24.53 5.21 3.40
N LEU C 23 24.10 4.50 2.37
CA LEU C 23 24.88 3.37 1.89
C LEU C 23 26.19 3.85 1.27
N SER C 24 26.07 4.78 0.34
CA SER C 24 27.23 5.32 -0.36
C SER C 24 28.31 5.79 0.62
N ILE C 25 27.87 6.29 1.77
CA ILE C 25 28.78 6.77 2.80
C ILE C 25 29.61 5.61 3.37
N ASP C 26 28.92 4.65 3.99
CA ASP C 26 29.58 3.49 4.58
C ASP C 26 30.46 2.77 3.55
N ILE C 27 30.15 2.94 2.26
CA ILE C 27 30.94 2.32 1.20
C ILE C 27 32.18 3.19 0.93
N LYS C 28 31.98 4.51 0.92
CA LYS C 28 33.09 5.44 0.69
C LYS C 28 34.13 5.37 1.81
N LYS C 29 33.66 5.35 3.05
CA LYS C 29 34.55 5.29 4.19
C LYS C 29 34.97 3.87 4.54
N GLY C 30 34.66 2.92 3.66
CA GLY C 30 35.03 1.54 3.89
C GLY C 30 34.61 0.97 5.24
N TYR C 31 33.41 1.31 5.68
CA TYR C 31 32.91 0.80 6.94
C TYR C 31 32.77 -0.73 6.80
N GLU C 32 33.12 -1.47 7.86
CA GLU C 32 33.01 -2.93 7.81
C GLU C 32 32.00 -3.51 8.80
N GLY C 33 31.11 -2.66 9.29
CA GLY C 33 30.08 -3.13 10.21
C GLY C 33 28.85 -3.60 9.46
N ILE C 34 28.95 -3.60 8.12
CA ILE C 34 27.84 -4.03 7.26
C ILE C 34 28.26 -5.09 6.23
N ILE C 35 27.26 -5.75 5.66
CA ILE C 35 27.47 -6.76 4.63
C ILE C 35 26.36 -6.52 3.60
N VAL C 36 26.75 -5.93 2.47
CA VAL C 36 25.79 -5.64 1.41
C VAL C 36 25.50 -6.90 0.62
N VAL C 37 24.24 -7.33 0.63
CA VAL C 37 23.85 -8.56 -0.07
C VAL C 37 22.89 -8.32 -1.24
N ASP C 38 23.30 -8.76 -2.42
CA ASP C 38 22.49 -8.62 -3.61
C ASP C 38 21.55 -9.83 -3.65
N VAL C 39 20.25 -9.58 -3.60
CA VAL C 39 19.29 -10.67 -3.57
C VAL C 39 18.76 -11.14 -4.92
N ARG C 40 19.00 -10.36 -5.97
CA ARG C 40 18.54 -10.71 -7.31
C ARG C 40 19.18 -12.01 -7.80
N ASP C 41 18.81 -12.43 -9.01
CA ASP C 41 19.34 -13.66 -9.61
C ASP C 41 20.84 -13.57 -9.77
N ALA C 42 21.48 -14.73 -9.76
CA ALA C 42 22.93 -14.79 -9.90
C ALA C 42 23.43 -14.10 -11.17
N GLU C 43 22.72 -14.29 -12.28
CA GLU C 43 23.13 -13.69 -13.54
C GLU C 43 23.09 -12.17 -13.54
N ALA C 44 22.06 -11.61 -12.92
CA ALA C 44 21.92 -10.16 -12.84
C ALA C 44 23.09 -9.57 -12.08
N TYR C 45 23.46 -10.24 -10.99
CA TYR C 45 24.57 -9.78 -10.18
C TYR C 45 25.86 -9.72 -10.98
N LYS C 46 26.29 -10.87 -11.49
CA LYS C 46 27.51 -10.97 -12.28
C LYS C 46 27.60 -9.92 -13.37
N GLU C 47 26.44 -9.50 -13.86
CA GLU C 47 26.36 -8.50 -14.92
C GLU C 47 26.60 -7.08 -14.40
N CYS C 48 26.05 -6.78 -13.22
CA CYS C 48 26.18 -5.45 -12.66
C CYS C 48 25.67 -5.37 -11.22
N HIS C 49 26.56 -5.04 -10.30
CA HIS C 49 26.19 -4.95 -8.90
C HIS C 49 26.87 -3.82 -8.14
N ILE C 50 26.40 -3.55 -6.92
CA ILE C 50 26.98 -2.48 -6.12
C ILE C 50 28.30 -2.92 -5.50
N PRO C 51 29.28 -2.00 -5.44
CA PRO C 51 30.60 -2.27 -4.88
C PRO C 51 30.58 -2.80 -3.46
N THR C 52 31.41 -3.80 -3.21
CA THR C 52 31.52 -4.43 -1.90
C THR C 52 30.36 -5.39 -1.63
N ALA C 53 29.44 -5.49 -2.57
CA ALA C 53 28.27 -6.35 -2.42
C ALA C 53 28.49 -7.81 -2.82
N ILE C 54 27.93 -8.72 -2.02
CA ILE C 54 28.04 -10.14 -2.30
C ILE C 54 26.77 -10.63 -2.96
N SER C 55 26.82 -11.83 -3.53
CA SER C 55 25.66 -12.39 -4.20
C SER C 55 25.02 -13.54 -3.45
N ILE C 56 23.75 -13.40 -3.11
CA ILE C 56 23.02 -14.45 -2.43
C ILE C 56 21.54 -14.36 -2.86
N PRO C 57 21.16 -15.06 -3.93
CA PRO C 57 19.77 -15.02 -4.40
C PRO C 57 18.77 -15.22 -3.24
N GLY C 58 17.74 -14.37 -3.22
CA GLY C 58 16.74 -14.44 -2.16
C GLY C 58 16.19 -15.80 -1.83
N ASN C 59 15.87 -16.58 -2.86
CA ASN C 59 15.33 -17.91 -2.66
C ASN C 59 16.41 -18.87 -2.14
N LYS C 60 17.63 -18.37 -1.95
CA LYS C 60 18.70 -19.22 -1.45
C LYS C 60 19.20 -18.85 -0.05
N ILE C 61 18.54 -17.90 0.60
CA ILE C 61 18.94 -17.49 1.94
C ILE C 61 18.68 -18.61 2.95
N ASN C 62 19.72 -19.17 3.55
CA ASN C 62 19.55 -20.22 4.54
C ASN C 62 20.82 -20.35 5.35
N GLU C 63 20.86 -21.29 6.28
CA GLU C 63 22.04 -21.48 7.13
C GLU C 63 23.29 -21.81 6.34
N ASP C 64 23.14 -22.63 5.30
CA ASP C 64 24.24 -23.04 4.46
C ASP C 64 24.90 -21.87 3.73
N THR C 65 24.10 -21.00 3.15
CA THR C 65 24.65 -19.88 2.42
C THR C 65 25.06 -18.69 3.28
N THR C 66 24.63 -18.68 4.55
CA THR C 66 24.97 -17.59 5.45
C THR C 66 25.93 -18.00 6.58
N LYS C 67 26.55 -19.16 6.43
CA LYS C 67 27.47 -19.69 7.43
C LYS C 67 28.73 -18.88 7.61
N ARG C 68 29.18 -18.19 6.57
CA ARG C 68 30.40 -17.39 6.64
C ARG C 68 30.12 -15.94 7.05
N LEU C 69 28.85 -15.62 7.22
CA LEU C 69 28.45 -14.26 7.60
C LEU C 69 28.42 -14.11 9.12
N SER C 70 29.00 -13.02 9.61
CA SER C 70 29.06 -12.75 11.04
C SER C 70 27.87 -11.99 11.60
N LYS C 71 27.19 -12.61 12.56
CA LYS C 71 26.03 -12.02 13.19
C LYS C 71 26.46 -10.71 13.87
N GLU C 72 27.74 -10.36 13.78
CA GLU C 72 28.19 -9.11 14.39
C GLU C 72 27.98 -7.92 13.46
N LYS C 73 27.91 -8.19 12.17
CA LYS C 73 27.72 -7.12 11.20
C LYS C 73 26.24 -6.94 10.88
N VAL C 74 25.88 -5.82 10.28
CA VAL C 74 24.49 -5.58 9.92
C VAL C 74 24.30 -5.91 8.45
N ILE C 75 23.23 -6.65 8.14
CA ILE C 75 22.95 -7.04 6.74
C ILE C 75 22.09 -5.99 6.04
N ILE C 76 22.50 -5.65 4.82
CA ILE C 76 21.81 -4.69 3.99
C ILE C 76 21.45 -5.43 2.71
N THR C 77 20.16 -5.72 2.53
CA THR C 77 19.71 -6.41 1.35
C THR C 77 19.19 -5.40 0.35
N TYR C 78 19.28 -5.74 -0.93
CA TYR C 78 18.78 -4.88 -1.99
C TYR C 78 18.41 -5.69 -3.21
N CYS C 79 17.38 -5.25 -3.91
CA CYS C 79 16.86 -5.89 -5.12
C CYS C 79 16.93 -4.86 -6.26
N TRP C 80 16.09 -5.00 -7.28
CA TRP C 80 16.08 -4.09 -8.43
C TRP C 80 15.72 -2.64 -8.12
N GLY C 81 14.60 -2.43 -7.43
CA GLY C 81 14.19 -1.08 -7.10
C GLY C 81 12.89 -1.02 -6.33
N PRO C 82 12.22 0.14 -6.34
CA PRO C 82 10.95 0.37 -5.65
C PRO C 82 9.84 -0.61 -6.04
N ALA C 83 9.93 -1.17 -7.24
CA ALA C 83 8.90 -2.08 -7.69
C ALA C 83 9.14 -3.52 -7.25
N CYS C 84 10.29 -3.79 -6.65
CA CYS C 84 10.59 -5.15 -6.21
C CYS C 84 10.41 -5.30 -4.70
N ASN C 85 10.07 -6.51 -4.27
CA ASN C 85 9.87 -6.81 -2.87
C ASN C 85 10.95 -7.72 -2.32
N GLY C 86 11.86 -8.14 -3.19
CA GLY C 86 12.94 -9.03 -2.82
C GLY C 86 13.67 -8.65 -1.55
N ALA C 87 14.17 -7.42 -1.51
CA ALA C 87 14.89 -6.95 -0.34
C ALA C 87 14.08 -7.19 0.92
N THR C 88 12.78 -6.91 0.86
CA THR C 88 11.90 -7.12 2.01
C THR C 88 11.81 -8.59 2.41
N LYS C 89 11.55 -9.46 1.45
CA LYS C 89 11.45 -10.87 1.75
C LYS C 89 12.80 -11.37 2.27
N ALA C 90 13.88 -10.86 1.68
CA ALA C 90 15.22 -11.28 2.11
C ALA C 90 15.47 -10.89 3.56
N ALA C 91 15.02 -9.70 3.94
CA ALA C 91 15.20 -9.22 5.31
C ALA C 91 14.54 -10.16 6.31
N ALA C 92 13.35 -10.65 5.98
CA ALA C 92 12.65 -11.56 6.85
C ALA C 92 13.44 -12.86 7.04
N LYS C 93 13.95 -13.42 5.94
CA LYS C 93 14.71 -14.67 6.03
C LYS C 93 15.98 -14.46 6.85
N PHE C 94 16.63 -13.32 6.63
CA PHE C 94 17.85 -12.98 7.35
C PHE C 94 17.57 -12.76 8.86
N ALA C 95 16.46 -12.12 9.19
CA ALA C 95 16.11 -11.89 10.59
C ALA C 95 15.72 -13.22 11.23
N GLN C 96 15.15 -14.10 10.42
CA GLN C 96 14.73 -15.41 10.92
C GLN C 96 15.98 -16.20 11.32
N LEU C 97 17.09 -15.91 10.65
CA LEU C 97 18.36 -16.57 10.91
C LEU C 97 19.12 -15.91 12.05
N GLY C 98 18.42 -15.11 12.84
CA GLY C 98 19.05 -14.44 13.96
C GLY C 98 19.95 -13.27 13.60
N PHE C 99 19.90 -12.82 12.35
CA PHE C 99 20.72 -11.69 11.94
C PHE C 99 20.03 -10.35 12.21
N ARG C 100 20.81 -9.28 12.12
CA ARG C 100 20.33 -7.92 12.31
C ARG C 100 20.33 -7.40 10.87
N VAL C 101 19.15 -7.09 10.35
CA VAL C 101 19.08 -6.66 8.95
C VAL C 101 18.29 -5.40 8.66
N LYS C 102 18.62 -4.80 7.52
CA LYS C 102 17.97 -3.60 7.04
C LYS C 102 17.82 -3.73 5.50
N GLU C 103 16.69 -3.27 4.96
CA GLU C 103 16.47 -3.33 3.51
C GLU C 103 16.85 -1.98 2.89
N LEU C 104 17.43 -2.02 1.70
CA LEU C 104 17.85 -0.80 1.00
C LEU C 104 16.76 -0.32 0.07
N ILE C 105 16.16 0.82 0.39
CA ILE C 105 15.12 1.34 -0.47
C ILE C 105 15.79 1.98 -1.68
N GLY C 106 15.16 1.82 -2.84
CA GLY C 106 15.73 2.38 -4.04
C GLY C 106 16.37 1.31 -4.88
N GLY C 107 16.88 0.26 -4.24
CA GLY C 107 17.53 -0.82 -4.98
C GLY C 107 18.69 -0.32 -5.82
N ILE C 108 19.27 -1.19 -6.63
CA ILE C 108 20.41 -0.79 -7.45
C ILE C 108 19.97 0.20 -8.53
N GLU C 109 18.67 0.27 -8.75
CA GLU C 109 18.12 1.19 -9.75
C GLU C 109 18.44 2.64 -9.39
N TYR C 110 18.16 3.02 -8.15
CA TYR C 110 18.45 4.40 -7.75
C TYR C 110 19.91 4.62 -7.40
N TRP C 111 20.63 3.53 -7.12
CA TRP C 111 22.05 3.61 -6.81
C TRP C 111 22.71 4.12 -8.08
N ARG C 112 22.17 3.75 -9.24
CA ARG C 112 22.72 4.22 -10.49
C ARG C 112 22.18 5.60 -10.84
N LYS C 113 20.88 5.78 -10.72
CA LYS C 113 20.28 7.07 -11.03
C LYS C 113 20.93 8.15 -10.18
N GLU C 114 21.61 7.71 -9.12
CA GLU C 114 22.28 8.65 -8.24
C GLU C 114 23.79 8.65 -8.46
N ASN C 115 24.18 8.52 -9.72
CA ASN C 115 25.57 8.51 -10.14
C ASN C 115 26.47 7.60 -9.30
N GLY C 116 25.98 6.41 -9.01
CA GLY C 116 26.75 5.45 -8.23
C GLY C 116 27.50 4.53 -9.18
N GLU C 117 28.70 4.11 -8.80
CA GLU C 117 29.49 3.22 -9.66
C GLU C 117 29.11 1.77 -9.43
N VAL C 118 29.21 0.96 -10.48
CA VAL C 118 28.87 -0.45 -10.38
C VAL C 118 29.98 -1.34 -10.93
N GLU C 119 30.03 -2.57 -10.42
CA GLU C 119 31.00 -3.56 -10.86
C GLU C 119 30.29 -4.68 -11.57
N GLY C 120 30.99 -5.40 -12.43
CA GLY C 120 30.38 -6.50 -13.15
C GLY C 120 30.87 -6.66 -14.57
N THR C 121 30.18 -7.48 -15.35
CA THR C 121 30.56 -7.72 -16.73
C THR C 121 30.11 -6.60 -17.66
N LEU C 122 28.89 -6.12 -17.48
CA LEU C 122 28.33 -5.06 -18.32
C LEU C 122 28.34 -3.70 -17.67
N GLY C 123 28.59 -3.67 -16.37
CA GLY C 123 28.60 -2.40 -15.65
C GLY C 123 27.41 -1.51 -15.94
N ALA C 124 27.68 -0.26 -16.33
CA ALA C 124 26.63 0.70 -16.62
C ALA C 124 25.88 0.37 -17.89
N LYS C 125 26.29 -0.68 -18.58
CA LYS C 125 25.61 -1.08 -19.80
C LYS C 125 24.49 -2.06 -19.51
N ALA C 126 24.44 -2.57 -18.28
CA ALA C 126 23.39 -3.51 -17.91
C ALA C 126 22.03 -2.84 -17.89
N ASP C 127 20.96 -3.63 -18.06
CA ASP C 127 19.61 -3.07 -18.05
C ASP C 127 19.35 -2.42 -16.71
N LEU C 128 18.57 -1.35 -16.71
CA LEU C 128 18.29 -0.65 -15.45
C LEU C 128 17.16 -1.33 -14.67
N PHE C 129 16.15 -1.80 -15.39
CA PHE C 129 15.01 -2.46 -14.77
C PHE C 129 14.95 -3.95 -15.06
N TRP C 130 14.19 -4.67 -14.25
CA TRP C 130 13.99 -6.11 -14.41
C TRP C 130 13.14 -6.30 -15.67
N ASN C 131 13.51 -7.28 -16.50
CA ASN C 131 12.78 -7.54 -17.75
C ASN C 131 11.87 -8.74 -17.60
N MSE C 132 10.57 -8.47 -17.51
CA MSE C 132 9.55 -9.50 -17.35
C MSE C 132 9.60 -10.54 -18.46
O MSE C 132 9.44 -11.74 -18.20
CB MSE C 132 8.18 -8.82 -17.33
CG MSE C 132 7.03 -9.69 -16.89
SE MSE C 132 5.35 -8.71 -17.10
CE MSE C 132 5.64 -7.26 -15.85
N LYS C 133 9.82 -10.09 -19.68
CA LYS C 133 9.86 -10.97 -20.84
C LYS C 133 11.13 -11.80 -21.03
N LYS C 134 12.23 -11.41 -20.40
CA LYS C 134 13.47 -12.18 -20.53
C LYS C 134 13.35 -13.54 -19.86
N GLU C 135 13.89 -14.57 -20.50
CA GLU C 135 13.85 -15.93 -19.94
C GLU C 135 15.06 -16.17 -19.04
N ALA D 1 -47.64 6.20 7.71
CA ALA D 1 -47.58 5.18 8.80
C ALA D 1 -48.46 5.59 9.98
N ASN D 2 -48.56 4.73 10.99
CA ASN D 2 -49.37 5.03 12.17
C ASN D 2 -48.65 6.02 13.07
N PRO D 3 -49.40 6.81 13.86
CA PRO D 3 -48.84 7.81 14.78
C PRO D 3 -47.57 7.43 15.55
N ASN D 4 -47.55 6.25 16.15
CA ASN D 4 -46.38 5.81 16.90
C ASN D 4 -45.13 5.70 16.05
N GLU D 5 -45.25 5.03 14.91
CA GLU D 5 -44.12 4.86 14.00
C GLU D 5 -43.73 6.19 13.37
N ALA D 6 -44.70 7.07 13.20
CA ALA D 6 -44.46 8.38 12.62
C ALA D 6 -43.66 9.27 13.57
N TYR D 7 -44.04 9.25 14.85
CA TYR D 7 -43.36 10.05 15.87
C TYR D 7 -41.88 9.74 15.91
N ARG D 8 -41.56 8.45 16.02
CA ARG D 8 -40.18 7.97 16.06
C ARG D 8 -39.38 8.47 14.86
N HIS D 9 -40.01 8.45 13.70
CA HIS D 9 -39.39 8.88 12.45
C HIS D 9 -39.03 10.38 12.43
N TYR D 10 -40.01 11.24 12.64
CA TYR D 10 -39.73 12.67 12.63
C TYR D 10 -38.75 13.07 13.73
N MSE D 11 -38.91 12.46 14.90
CA MSE D 11 -38.05 12.76 16.03
C MSE D 11 -36.61 12.34 15.76
O MSE D 11 -35.67 13.01 16.18
CB MSE D 11 -38.60 12.07 17.28
CG MSE D 11 -38.43 12.86 18.58
SE MSE D 11 -39.40 14.57 18.57
CE MSE D 11 -40.91 13.93 17.58
N LYS D 12 -36.42 11.23 15.04
CA LYS D 12 -35.08 10.74 14.71
C LYS D 12 -34.42 11.66 13.67
N LYS D 13 -35.22 12.11 12.72
CA LYS D 13 -34.74 13.00 11.68
C LYS D 13 -34.21 14.29 12.32
N LEU D 14 -35.00 14.88 13.21
CA LEU D 14 -34.58 16.12 13.89
C LEU D 14 -33.33 15.92 14.74
N SER D 15 -33.04 14.69 15.16
CA SER D 15 -31.87 14.47 15.98
C SER D 15 -30.56 14.51 15.18
N TYR D 16 -30.66 14.56 13.86
CA TYR D 16 -29.48 14.61 13.00
C TYR D 16 -29.36 15.93 12.22
N GLU D 17 -30.32 16.82 12.42
CA GLU D 17 -30.28 18.09 11.72
C GLU D 17 -30.65 19.30 12.55
N THR D 18 -30.39 20.47 11.99
CA THR D 18 -30.70 21.74 12.63
C THR D 18 -30.90 22.76 11.52
N ASP D 19 -31.94 23.57 11.61
CA ASP D 19 -32.20 24.55 10.58
C ASP D 19 -31.65 25.93 10.90
N ILE D 20 -31.81 26.84 9.94
CA ILE D 20 -31.33 28.20 10.07
C ILE D 20 -31.88 28.87 11.32
N ALA D 21 -33.19 28.75 11.51
CA ALA D 21 -33.84 29.37 12.66
C ALA D 21 -33.16 29.01 13.98
N ASP D 22 -33.07 27.71 14.27
CA ASP D 22 -32.44 27.25 15.51
C ASP D 22 -30.98 27.70 15.61
N LEU D 23 -30.23 27.63 14.50
CA LEU D 23 -28.82 28.03 14.52
C LEU D 23 -28.69 29.52 14.87
N SER D 24 -29.53 30.37 14.27
CA SER D 24 -29.46 31.81 14.54
C SER D 24 -29.73 32.12 16.00
N ILE D 25 -30.62 31.34 16.60
CA ILE D 25 -30.92 31.54 18.00
C ILE D 25 -29.69 31.23 18.83
N ASP D 26 -29.07 30.08 18.59
CA ASP D 26 -27.88 29.71 19.36
C ASP D 26 -26.77 30.73 19.25
N ILE D 27 -26.55 31.25 18.04
CA ILE D 27 -25.50 32.24 17.82
C ILE D 27 -25.88 33.55 18.50
N LYS D 28 -27.11 33.98 18.30
CA LYS D 28 -27.57 35.23 18.90
C LYS D 28 -27.50 35.17 20.43
N LYS D 29 -27.90 34.05 21.01
CA LYS D 29 -27.87 33.91 22.46
C LYS D 29 -26.50 33.53 23.00
N GLY D 30 -25.55 33.31 22.08
CA GLY D 30 -24.21 32.95 22.49
C GLY D 30 -24.05 31.59 23.12
N TYR D 31 -24.84 30.62 22.68
CA TYR D 31 -24.74 29.27 23.22
C TYR D 31 -23.38 28.70 22.82
N GLU D 32 -22.64 28.20 23.81
CA GLU D 32 -21.32 27.67 23.54
C GLU D 32 -21.25 26.14 23.59
N GLY D 33 -22.37 25.49 23.36
CA GLY D 33 -22.38 24.04 23.37
C GLY D 33 -22.23 23.43 21.98
N ILE D 34 -21.96 24.28 20.99
CA ILE D 34 -21.81 23.81 19.62
C ILE D 34 -20.54 24.36 18.98
N ILE D 35 -20.08 23.69 17.94
CA ILE D 35 -18.91 24.11 17.20
C ILE D 35 -19.38 24.17 15.75
N VAL D 36 -19.57 25.39 15.24
CA VAL D 36 -20.01 25.55 13.87
C VAL D 36 -18.82 25.37 12.93
N VAL D 37 -18.94 24.41 12.01
CA VAL D 37 -17.86 24.10 11.08
C VAL D 37 -18.23 24.21 9.60
N ASP D 38 -17.52 25.08 8.89
CA ASP D 38 -17.73 25.30 7.47
C ASP D 38 -16.85 24.30 6.73
N VAL D 39 -17.47 23.31 6.10
CA VAL D 39 -16.73 22.29 5.39
C VAL D 39 -16.46 22.58 3.91
N ARG D 40 -16.71 23.81 3.48
CA ARG D 40 -16.45 24.16 2.08
C ARG D 40 -14.95 24.45 1.94
N ASP D 41 -14.53 24.88 0.75
CA ASP D 41 -13.13 25.21 0.50
C ASP D 41 -12.65 26.38 1.34
N ALA D 42 -11.37 26.37 1.70
CA ALA D 42 -10.79 27.43 2.51
C ALA D 42 -11.05 28.79 1.89
N GLU D 43 -10.95 28.87 0.56
CA GLU D 43 -11.17 30.15 -0.09
C GLU D 43 -12.61 30.61 0.04
N ALA D 44 -13.56 29.69 -0.03
CA ALA D 44 -14.97 30.06 0.10
C ALA D 44 -15.24 30.65 1.47
N TYR D 45 -14.64 30.03 2.50
CA TYR D 45 -14.80 30.51 3.89
C TYR D 45 -14.23 31.91 4.06
N LYS D 46 -13.01 32.11 3.57
CA LYS D 46 -12.34 33.40 3.68
C LYS D 46 -13.19 34.51 3.10
N GLU D 47 -13.91 34.21 2.02
CA GLU D 47 -14.76 35.20 1.37
C GLU D 47 -16.07 35.47 2.13
N CYS D 48 -16.71 34.39 2.59
CA CYS D 48 -17.99 34.51 3.30
C CYS D 48 -18.35 33.29 4.18
N HIS D 49 -18.60 33.55 5.45
CA HIS D 49 -18.96 32.46 6.35
C HIS D 49 -19.88 32.93 7.46
N ILE D 50 -20.48 31.96 8.14
CA ILE D 50 -21.40 32.23 9.24
C ILE D 50 -20.64 32.60 10.51
N PRO D 51 -21.12 33.62 11.24
CA PRO D 51 -20.48 34.08 12.48
C PRO D 51 -20.24 32.94 13.47
N THR D 52 -19.07 32.98 14.10
CA THR D 52 -18.60 32.01 15.09
C THR D 52 -18.12 30.71 14.46
N ALA D 53 -18.20 30.62 13.13
CA ALA D 53 -17.78 29.43 12.42
C ALA D 53 -16.28 29.31 12.20
N ILE D 54 -15.80 28.08 12.14
CA ILE D 54 -14.40 27.85 11.89
C ILE D 54 -14.33 27.10 10.57
N SER D 55 -13.14 27.09 10.00
CA SER D 55 -12.95 26.44 8.72
C SER D 55 -12.20 25.14 8.73
N ILE D 56 -12.87 24.10 8.25
CA ILE D 56 -12.25 22.80 8.12
C ILE D 56 -12.81 22.14 6.86
N PRO D 57 -12.15 22.34 5.72
CA PRO D 57 -12.61 21.74 4.46
C PRO D 57 -12.95 20.28 4.63
N GLY D 58 -14.06 19.87 4.04
CA GLY D 58 -14.50 18.48 4.13
C GLY D 58 -13.40 17.43 4.01
N ASN D 59 -12.54 17.55 3.01
CA ASN D 59 -11.46 16.58 2.78
C ASN D 59 -10.28 16.72 3.75
N LYS D 60 -10.40 17.59 4.74
CA LYS D 60 -9.34 17.80 5.70
C LYS D 60 -9.77 17.45 7.12
N ILE D 61 -10.95 16.86 7.25
CA ILE D 61 -11.42 16.49 8.58
C ILE D 61 -10.71 15.21 9.00
N ASN D 62 -9.88 15.31 10.03
CA ASN D 62 -9.12 14.18 10.54
C ASN D 62 -8.73 14.42 12.00
N GLU D 63 -8.08 13.44 12.62
CA GLU D 63 -7.67 13.58 14.02
C GLU D 63 -6.72 14.75 14.28
N ASP D 64 -5.94 15.14 13.28
CA ASP D 64 -4.99 16.24 13.42
C ASP D 64 -5.66 17.60 13.36
N THR D 65 -6.66 17.71 12.49
CA THR D 65 -7.35 18.97 12.28
C THR D 65 -8.49 19.24 13.26
N THR D 66 -8.78 18.29 14.13
CA THR D 66 -9.85 18.45 15.09
C THR D 66 -9.38 18.32 16.53
N LYS D 67 -8.07 18.15 16.74
CA LYS D 67 -7.50 17.96 18.07
C LYS D 67 -7.90 18.99 19.13
N ARG D 68 -8.21 20.21 18.71
CA ARG D 68 -8.59 21.23 19.67
C ARG D 68 -10.09 21.28 19.93
N LEU D 69 -10.86 20.40 19.28
CA LEU D 69 -12.31 20.42 19.45
C LEU D 69 -12.82 19.53 20.59
N SER D 70 -13.65 20.11 21.44
CA SER D 70 -14.18 19.38 22.57
C SER D 70 -15.25 18.36 22.19
N LYS D 71 -15.08 17.12 22.64
CA LYS D 71 -16.07 16.09 22.33
C LYS D 71 -17.30 16.23 23.24
N GLU D 72 -17.30 17.25 24.09
CA GLU D 72 -18.44 17.46 24.97
C GLU D 72 -19.45 18.39 24.32
N LYS D 73 -19.09 18.89 23.14
CA LYS D 73 -19.96 19.79 22.40
C LYS D 73 -20.48 19.08 21.16
N VAL D 74 -21.55 19.61 20.59
CA VAL D 74 -22.14 19.04 19.40
C VAL D 74 -21.66 19.78 18.15
N ILE D 75 -21.11 19.05 17.19
CA ILE D 75 -20.64 19.67 15.96
C ILE D 75 -21.77 19.89 14.95
N ILE D 76 -21.74 21.07 14.33
CA ILE D 76 -22.73 21.48 13.34
C ILE D 76 -21.99 21.75 12.03
N THR D 77 -22.16 20.86 11.06
CA THR D 77 -21.50 21.05 9.79
C THR D 77 -22.42 21.73 8.80
N TYR D 78 -21.83 22.43 7.82
CA TYR D 78 -22.62 23.08 6.78
C TYR D 78 -21.86 23.23 5.49
N CYS D 79 -22.61 23.25 4.39
CA CYS D 79 -22.04 23.39 3.05
C CYS D 79 -22.74 24.56 2.32
N TRP D 80 -22.63 24.61 1.00
CA TRP D 80 -23.24 25.69 0.23
C TRP D 80 -24.76 25.79 0.33
N GLY D 81 -25.45 24.70 0.05
CA GLY D 81 -26.90 24.71 0.12
C GLY D 81 -27.53 23.33 0.05
N PRO D 82 -28.83 23.27 -0.21
CA PRO D 82 -29.62 22.04 -0.32
C PRO D 82 -29.07 21.01 -1.30
N ALA D 83 -28.40 21.47 -2.35
CA ALA D 83 -27.88 20.56 -3.35
C ALA D 83 -26.41 20.19 -3.16
N CYS D 84 -26.03 20.01 -1.89
CA CYS D 84 -24.66 19.64 -1.55
C CYS D 84 -24.64 18.51 -0.51
N ASN D 85 -23.69 17.59 -0.66
CA ASN D 85 -23.50 16.45 0.22
C ASN D 85 -22.42 16.74 1.26
N GLY D 86 -21.70 17.83 1.06
CA GLY D 86 -20.64 18.21 1.98
C GLY D 86 -20.97 18.00 3.44
N ALA D 87 -22.02 18.65 3.91
CA ALA D 87 -22.40 18.52 5.31
C ALA D 87 -22.61 17.06 5.73
N THR D 88 -23.31 16.30 4.90
CA THR D 88 -23.58 14.90 5.21
C THR D 88 -22.29 14.07 5.26
N LYS D 89 -21.39 14.31 4.31
CA LYS D 89 -20.12 13.58 4.28
C LYS D 89 -19.32 14.00 5.50
N ALA D 90 -19.31 15.29 5.78
CA ALA D 90 -18.56 15.78 6.92
C ALA D 90 -19.04 15.16 8.22
N ALA D 91 -20.36 15.08 8.40
CA ALA D 91 -20.96 14.52 9.62
C ALA D 91 -20.41 13.14 9.87
N ALA D 92 -20.31 12.39 8.79
CA ALA D 92 -19.81 11.03 8.82
C ALA D 92 -18.41 11.03 9.41
N LYS D 93 -17.50 11.76 8.80
CA LYS D 93 -16.13 11.79 9.31
C LYS D 93 -16.09 12.20 10.78
N PHE D 94 -16.86 13.22 11.14
CA PHE D 94 -16.90 13.70 12.53
C PHE D 94 -17.43 12.62 13.47
N ALA D 95 -18.41 11.86 12.99
CA ALA D 95 -18.98 10.80 13.80
C ALA D 95 -17.95 9.69 13.97
N GLN D 96 -17.20 9.40 12.92
CA GLN D 96 -16.19 8.35 13.00
C GLN D 96 -15.05 8.76 13.93
N LEU D 97 -14.90 10.07 14.14
CA LEU D 97 -13.86 10.59 15.02
C LEU D 97 -14.36 10.64 16.47
N GLY D 98 -15.58 10.17 16.69
CA GLY D 98 -16.15 10.15 18.01
C GLY D 98 -16.93 11.39 18.44
N PHE D 99 -17.25 12.28 17.49
CA PHE D 99 -18.00 13.47 17.81
C PHE D 99 -19.50 13.30 17.63
N ARG D 100 -20.27 14.13 18.35
CA ARG D 100 -21.71 14.13 18.20
C ARG D 100 -21.87 15.23 17.15
N VAL D 101 -22.58 14.94 16.07
CA VAL D 101 -22.72 15.90 14.98
C VAL D 101 -24.08 15.97 14.29
N LYS D 102 -24.45 17.18 13.87
CA LYS D 102 -25.72 17.43 13.18
C LYS D 102 -25.39 18.27 11.94
N GLU D 103 -26.12 18.06 10.85
CA GLU D 103 -25.85 18.86 9.67
C GLU D 103 -26.85 20.00 9.55
N LEU D 104 -26.39 21.14 9.03
CA LEU D 104 -27.26 22.28 8.88
C LEU D 104 -27.98 22.20 7.55
N ILE D 105 -29.31 22.16 7.57
CA ILE D 105 -30.05 22.11 6.33
C ILE D 105 -30.27 23.52 5.81
N GLY D 106 -29.97 23.69 4.52
CA GLY D 106 -30.12 24.98 3.89
C GLY D 106 -28.78 25.58 3.54
N GLY D 107 -27.74 25.13 4.23
CA GLY D 107 -26.40 25.63 3.96
C GLY D 107 -26.25 27.11 4.21
N ILE D 108 -25.12 27.67 3.80
CA ILE D 108 -24.89 29.09 4.00
C ILE D 108 -25.81 29.90 3.08
N GLU D 109 -26.19 29.28 1.97
CA GLU D 109 -27.09 29.91 1.02
C GLU D 109 -28.38 30.38 1.67
N TYR D 110 -29.05 29.49 2.40
CA TYR D 110 -30.30 29.89 3.04
C TYR D 110 -30.03 30.70 4.31
N TRP D 111 -28.83 30.58 4.87
CA TRP D 111 -28.52 31.39 6.04
C TRP D 111 -28.54 32.84 5.52
N ARG D 112 -28.06 33.04 4.29
CA ARG D 112 -28.07 34.37 3.72
C ARG D 112 -29.45 34.78 3.22
N LYS D 113 -30.10 33.93 2.43
CA LYS D 113 -31.43 34.28 1.94
C LYS D 113 -32.36 34.68 3.08
N GLU D 114 -32.13 34.13 4.27
CA GLU D 114 -32.98 34.47 5.41
C GLU D 114 -32.41 35.65 6.18
N ASN D 115 -31.67 36.49 5.46
CA ASN D 115 -31.10 37.70 6.00
C ASN D 115 -30.15 37.52 7.17
N GLY D 116 -29.29 36.51 7.09
CA GLY D 116 -28.32 36.26 8.15
C GLY D 116 -27.06 37.08 7.93
N GLU D 117 -26.40 37.46 9.02
CA GLU D 117 -25.18 38.24 8.92
C GLU D 117 -24.03 37.33 8.51
N VAL D 118 -23.13 37.86 7.68
CA VAL D 118 -21.99 37.08 7.25
C VAL D 118 -20.71 37.84 7.54
N GLU D 119 -19.59 37.13 7.46
CA GLU D 119 -18.29 37.74 7.71
C GLU D 119 -17.35 37.27 6.63
N GLY D 120 -16.25 38.00 6.46
CA GLY D 120 -15.28 37.63 5.45
C GLY D 120 -14.85 38.81 4.60
N THR D 121 -13.97 38.54 3.65
CA THR D 121 -13.46 39.57 2.76
C THR D 121 -14.57 40.22 1.94
N LEU D 122 -15.41 39.39 1.29
CA LEU D 122 -16.52 39.89 0.47
C LEU D 122 -17.86 39.93 1.20
N GLY D 123 -18.02 39.12 2.24
CA GLY D 123 -19.28 39.13 2.95
C GLY D 123 -20.49 38.82 2.07
N ALA D 124 -21.56 39.59 2.21
CA ALA D 124 -22.76 39.37 1.44
C ALA D 124 -22.58 39.64 -0.05
N LYS D 125 -21.35 40.02 -0.44
CA LYS D 125 -21.04 40.28 -1.84
C LYS D 125 -20.51 39.04 -2.54
N ALA D 126 -20.22 38.00 -1.76
CA ALA D 126 -19.69 36.75 -2.32
C ALA D 126 -20.74 35.96 -3.10
N ASP D 127 -20.30 35.05 -3.96
CA ASP D 127 -21.23 34.24 -4.75
C ASP D 127 -22.13 33.44 -3.81
N LEU D 128 -23.37 33.20 -4.25
CA LEU D 128 -24.32 32.45 -3.45
C LEU D 128 -24.23 30.96 -3.74
N PHE D 129 -23.73 30.61 -4.92
CA PHE D 129 -23.64 29.21 -5.30
C PHE D 129 -22.24 28.79 -5.68
N TRP D 130 -21.98 27.50 -5.48
CA TRP D 130 -20.70 26.92 -5.84
C TRP D 130 -20.60 27.03 -7.37
N ASN D 131 -19.42 27.31 -7.90
CA ASN D 131 -19.25 27.41 -9.35
C ASN D 131 -18.46 26.23 -9.90
N MSE D 132 -19.19 25.25 -10.40
CA MSE D 132 -18.64 24.02 -10.98
C MSE D 132 -17.47 24.29 -11.94
O MSE D 132 -16.61 23.43 -12.13
CB MSE D 132 -19.76 23.31 -11.75
CG MSE D 132 -19.41 21.97 -12.33
SE MSE D 132 -20.84 21.38 -13.48
CE MSE D 132 -22.32 21.53 -12.25
N LYS D 133 -17.47 25.48 -12.52
CA LYS D 133 -16.46 25.89 -13.47
C LYS D 133 -15.26 26.62 -12.86
N LYS D 134 -15.52 27.44 -11.85
CA LYS D 134 -14.43 28.19 -11.19
C LYS D 134 -13.39 27.24 -10.64
N ASN E 2 16.43 -53.34 15.26
CA ASN E 2 15.52 -54.29 15.97
C ASN E 2 14.07 -54.11 15.50
N PRO E 3 13.30 -55.21 15.47
CA PRO E 3 11.89 -55.20 15.03
C PRO E 3 11.01 -54.09 15.61
N ASN E 4 11.09 -53.85 16.92
CA ASN E 4 10.27 -52.83 17.55
C ASN E 4 10.51 -51.43 16.99
N GLU E 5 11.77 -51.07 16.79
CA GLU E 5 12.10 -49.76 16.24
C GLU E 5 11.66 -49.73 14.77
N ALA E 6 11.86 -50.85 14.07
CA ALA E 6 11.49 -50.94 12.65
C ALA E 6 9.98 -50.75 12.49
N TYR E 7 9.22 -51.24 13.45
CA TYR E 7 7.78 -51.12 13.41
C TYR E 7 7.42 -49.64 13.55
N ARG E 8 8.03 -48.96 14.52
CA ARG E 8 7.76 -47.55 14.74
C ARG E 8 8.05 -46.74 13.49
N HIS E 9 9.20 -47.03 12.88
CA HIS E 9 9.62 -46.35 11.66
C HIS E 9 8.59 -46.42 10.54
N TYR E 10 8.21 -47.64 10.17
CA TYR E 10 7.24 -47.83 9.11
C TYR E 10 5.90 -47.21 9.43
N MSE E 11 5.44 -47.42 10.67
CA MSE E 11 4.17 -46.88 11.10
C MSE E 11 4.18 -45.35 11.08
O MSE E 11 3.20 -44.72 10.68
CB MSE E 11 3.81 -47.38 12.51
CG MSE E 11 3.41 -48.87 12.56
SE MSE E 11 1.80 -49.26 11.52
CE MSE E 11 2.57 -49.42 9.79
N LYS E 12 5.30 -44.74 11.48
CA LYS E 12 5.42 -43.29 11.50
C LYS E 12 5.39 -42.79 10.06
N LYS E 13 6.12 -43.47 9.19
CA LYS E 13 6.17 -43.12 7.79
C LYS E 13 4.75 -43.16 7.18
N LEU E 14 3.99 -44.21 7.48
CA LEU E 14 2.63 -44.33 6.94
C LEU E 14 1.69 -43.25 7.43
N SER E 15 1.93 -42.73 8.64
CA SER E 15 1.04 -41.73 9.18
C SER E 15 1.06 -40.42 8.39
N TYR E 16 2.18 -40.12 7.72
CA TYR E 16 2.29 -38.88 6.96
C TYR E 16 1.90 -38.97 5.50
N GLU E 17 1.55 -40.16 5.04
CA GLU E 17 1.21 -40.32 3.63
C GLU E 17 0.03 -41.22 3.34
N THR E 18 -0.38 -41.21 2.09
CA THR E 18 -1.48 -42.05 1.66
C THR E 18 -1.27 -42.31 0.17
N ASP E 19 -1.57 -43.53 -0.25
CA ASP E 19 -1.38 -43.91 -1.63
C ASP E 19 -2.68 -43.81 -2.42
N ILE E 20 -2.58 -43.96 -3.74
CA ILE E 20 -3.73 -43.90 -4.64
C ILE E 20 -4.85 -44.85 -4.26
N ALA E 21 -4.49 -46.09 -3.96
CA ALA E 21 -5.47 -47.10 -3.58
C ALA E 21 -6.38 -46.62 -2.45
N ASP E 22 -5.78 -46.14 -1.35
CA ASP E 22 -6.54 -45.66 -0.22
C ASP E 22 -7.42 -44.45 -0.57
N LEU E 23 -6.86 -43.50 -1.31
CA LEU E 23 -7.62 -42.29 -1.70
C LEU E 23 -8.80 -42.67 -2.58
N SER E 24 -8.56 -43.59 -3.52
CA SER E 24 -9.60 -44.00 -4.45
C SER E 24 -10.82 -44.54 -3.70
N ILE E 25 -10.57 -45.23 -2.59
CA ILE E 25 -11.65 -45.80 -1.79
C ILE E 25 -12.44 -44.72 -1.07
N ASP E 26 -11.75 -43.76 -0.47
CA ASP E 26 -12.45 -42.69 0.23
C ASP E 26 -13.28 -41.86 -0.73
N ILE E 27 -12.77 -41.68 -1.96
CA ILE E 27 -13.50 -40.89 -2.97
C ILE E 27 -14.75 -41.65 -3.42
N LYS E 28 -14.57 -42.91 -3.76
CA LYS E 28 -15.68 -43.73 -4.22
C LYS E 28 -16.78 -43.86 -3.15
N LYS E 29 -16.38 -44.07 -1.89
CA LYS E 29 -17.35 -44.21 -0.80
C LYS E 29 -17.93 -42.88 -0.34
N GLY E 30 -17.34 -41.78 -0.81
CA GLY E 30 -17.83 -40.47 -0.43
C GLY E 30 -17.47 -40.05 0.98
N TYR E 31 -16.36 -40.55 1.50
CA TYR E 31 -15.94 -40.18 2.83
C TYR E 31 -15.66 -38.69 2.87
N GLU E 32 -16.35 -37.97 3.76
CA GLU E 32 -16.18 -36.53 3.85
C GLU E 32 -15.22 -36.07 4.95
N GLY E 33 -14.52 -37.03 5.54
CA GLY E 33 -13.56 -36.70 6.59
C GLY E 33 -12.21 -36.23 6.07
N ILE E 34 -12.12 -35.98 4.76
CA ILE E 34 -10.89 -35.51 4.11
C ILE E 34 -11.16 -34.37 3.12
N ILE E 35 -10.15 -33.54 2.89
CA ILE E 35 -10.24 -32.45 1.93
C ILE E 35 -9.03 -32.68 1.02
N VAL E 36 -9.29 -32.92 -0.25
CA VAL E 36 -8.24 -33.18 -1.24
C VAL E 36 -7.79 -31.86 -1.88
N VAL E 37 -6.50 -31.56 -1.76
CA VAL E 37 -5.97 -30.32 -2.29
C VAL E 37 -4.90 -30.49 -3.38
N ASP E 38 -5.20 -29.94 -4.56
CA ASP E 38 -4.28 -29.97 -5.69
C ASP E 38 -3.40 -28.73 -5.51
N VAL E 39 -2.12 -28.95 -5.23
CA VAL E 39 -1.22 -27.84 -5.01
C VAL E 39 -0.43 -27.39 -6.22
N ARG E 40 -0.84 -27.84 -7.40
CA ARG E 40 -0.14 -27.43 -8.62
C ARG E 40 -0.72 -26.08 -9.07
N ASP E 41 -0.18 -25.52 -10.15
CA ASP E 41 -0.68 -24.25 -10.66
C ASP E 41 -2.14 -24.36 -11.05
N ALA E 42 -2.82 -23.23 -10.95
CA ALA E 42 -4.23 -23.15 -11.30
C ALA E 42 -4.56 -23.72 -12.68
N GLU E 43 -3.76 -23.37 -13.68
CA GLU E 43 -4.01 -23.86 -15.04
C GLU E 43 -4.06 -25.39 -15.08
N ALA E 44 -3.09 -26.03 -14.45
CA ALA E 44 -3.03 -27.49 -14.42
C ALA E 44 -4.29 -28.08 -13.83
N TYR E 45 -4.74 -27.50 -12.72
CA TYR E 45 -5.94 -27.98 -12.07
C TYR E 45 -7.15 -27.82 -12.98
N LYS E 46 -7.25 -26.68 -13.66
CA LYS E 46 -8.38 -26.43 -14.56
C LYS E 46 -8.43 -27.44 -15.70
N GLU E 47 -7.27 -27.82 -16.21
CA GLU E 47 -7.25 -28.76 -17.31
C GLU E 47 -7.54 -30.21 -16.87
N CYS E 48 -7.09 -30.58 -15.69
CA CYS E 48 -7.28 -31.95 -15.22
C CYS E 48 -7.02 -32.11 -13.74
N HIS E 49 -7.95 -32.67 -13.00
CA HIS E 49 -7.73 -32.88 -11.58
C HIS E 49 -8.53 -34.04 -11.03
N ILE E 50 -8.22 -34.43 -9.80
CA ILE E 50 -8.89 -35.54 -9.13
C ILE E 50 -10.27 -35.13 -8.59
N PRO E 51 -11.29 -35.96 -8.79
CA PRO E 51 -12.65 -35.67 -8.31
C PRO E 51 -12.69 -35.25 -6.84
N THR E 52 -13.45 -34.19 -6.56
CA THR E 52 -13.63 -33.62 -5.22
C THR E 52 -12.45 -32.78 -4.74
N ALA E 53 -11.40 -32.68 -5.55
CA ALA E 53 -10.24 -31.91 -5.17
C ALA E 53 -10.40 -30.40 -5.38
N ILE E 54 -9.92 -29.62 -4.43
CA ILE E 54 -10.00 -28.18 -4.58
C ILE E 54 -8.63 -27.69 -5.00
N SER E 55 -8.57 -26.45 -5.43
CA SER E 55 -7.30 -25.92 -5.87
C SER E 55 -6.72 -24.83 -5.02
N ILE E 56 -5.50 -25.07 -4.56
CA ILE E 56 -4.78 -24.09 -3.77
C ILE E 56 -3.33 -24.28 -4.12
N PRO E 57 -2.83 -23.52 -5.10
CA PRO E 57 -1.42 -23.65 -5.49
C PRO E 57 -0.53 -23.56 -4.26
N GLY E 58 0.51 -24.40 -4.25
CA GLY E 58 1.44 -24.44 -3.12
C GLY E 58 1.87 -23.14 -2.49
N ASN E 59 2.47 -22.25 -3.26
CA ASN E 59 2.93 -20.98 -2.72
C ASN E 59 1.79 -20.04 -2.36
N LYS E 60 0.56 -20.52 -2.48
CA LYS E 60 -0.61 -19.71 -2.16
C LYS E 60 -1.29 -20.18 -0.86
N ILE E 61 -0.82 -21.27 -0.27
CA ILE E 61 -1.42 -21.76 0.97
C ILE E 61 -1.11 -20.85 2.16
N ASN E 62 -2.16 -20.25 2.74
CA ASN E 62 -2.01 -19.36 3.89
C ASN E 62 -3.34 -19.25 4.63
N GLU E 63 -3.40 -18.32 5.59
CA GLU E 63 -4.61 -18.11 6.39
C GLU E 63 -5.85 -17.73 5.58
N ASP E 64 -5.65 -16.88 4.56
CA ASP E 64 -6.77 -16.44 3.72
C ASP E 64 -7.32 -17.55 2.87
N THR E 65 -6.43 -18.33 2.27
CA THR E 65 -6.86 -19.39 1.38
C THR E 65 -7.37 -20.66 2.07
N THR E 66 -7.23 -20.76 3.39
CA THR E 66 -7.72 -21.94 4.10
C THR E 66 -8.76 -21.59 5.16
N LYS E 67 -9.23 -20.35 5.16
CA LYS E 67 -10.21 -19.89 6.15
C LYS E 67 -11.48 -20.74 6.22
N ARG E 68 -11.96 -21.16 5.05
CA ARG E 68 -13.16 -21.96 4.97
C ARG E 68 -12.92 -23.46 5.19
N LEU E 69 -11.67 -23.86 5.39
CA LEU E 69 -11.37 -25.28 5.58
C LEU E 69 -11.44 -25.73 7.03
N SER E 70 -12.16 -26.82 7.27
CA SER E 70 -12.31 -27.32 8.61
C SER E 70 -11.08 -28.04 9.20
N LYS E 71 -10.61 -27.55 10.35
CA LYS E 71 -9.46 -28.15 11.03
C LYS E 71 -9.85 -29.52 11.60
N GLU E 72 -11.13 -29.88 11.52
CA GLU E 72 -11.55 -31.18 12.04
C GLU E 72 -11.27 -32.28 11.03
N LYS E 73 -11.02 -31.91 9.77
CA LYS E 73 -10.76 -32.91 8.76
C LYS E 73 -9.26 -33.06 8.49
N VAL E 74 -8.92 -34.10 7.73
CA VAL E 74 -7.54 -34.36 7.37
C VAL E 74 -7.29 -33.82 5.96
N ILE E 75 -6.21 -33.07 5.80
CA ILE E 75 -5.88 -32.51 4.49
C ILE E 75 -5.00 -33.49 3.72
N ILE E 76 -5.36 -33.73 2.46
CA ILE E 76 -4.60 -34.63 1.56
C ILE E 76 -4.04 -33.78 0.40
N THR E 77 -2.72 -33.59 0.35
CA THR E 77 -2.13 -32.80 -0.73
C THR E 77 -1.55 -33.69 -1.82
N TYR E 78 -1.52 -33.18 -3.04
CA TYR E 78 -0.94 -33.93 -4.15
C TYR E 78 -0.41 -32.97 -5.19
N CYS E 79 0.67 -33.37 -5.86
CA CYS E 79 1.32 -32.58 -6.89
C CYS E 79 1.36 -33.49 -8.14
N TRP E 80 2.23 -33.18 -9.10
CA TRP E 80 2.32 -33.97 -10.32
C TRP E 80 2.63 -35.46 -10.11
N GLY E 81 3.71 -35.75 -9.39
CA GLY E 81 4.08 -37.12 -9.14
C GLY E 81 5.35 -37.27 -8.31
N PRO E 82 5.95 -38.48 -8.32
CA PRO E 82 7.17 -38.86 -7.61
C PRO E 82 8.37 -37.93 -7.76
N ALA E 83 8.33 -37.08 -8.78
CA ALA E 83 9.43 -36.15 -9.04
C ALA E 83 9.16 -34.74 -8.53
N CYS E 84 8.03 -34.56 -7.87
CA CYS E 84 7.69 -33.25 -7.37
C CYS E 84 7.75 -33.22 -5.84
N ASN E 85 8.16 -32.08 -5.30
CA ASN E 85 8.27 -31.92 -3.86
C ASN E 85 7.06 -31.15 -3.35
N GLY E 86 6.32 -30.59 -4.30
CA GLY E 86 5.15 -29.80 -3.99
C GLY E 86 4.26 -30.29 -2.87
N ALA E 87 3.84 -31.54 -2.92
CA ALA E 87 2.96 -32.05 -1.89
C ALA E 87 3.59 -31.95 -0.51
N THR E 88 4.89 -32.19 -0.44
CA THR E 88 5.61 -32.13 0.82
C THR E 88 5.69 -30.71 1.36
N LYS E 89 6.03 -29.77 0.50
CA LYS E 89 6.14 -28.39 0.95
C LYS E 89 4.78 -27.93 1.45
N ALA E 90 3.74 -28.27 0.70
CA ALA E 90 2.39 -27.87 1.08
C ALA E 90 1.99 -28.46 2.42
N ALA E 91 2.37 -29.71 2.66
CA ALA E 91 2.06 -30.39 3.92
C ALA E 91 2.59 -29.56 5.08
N ALA E 92 3.84 -29.14 4.96
CA ALA E 92 4.47 -28.34 5.98
C ALA E 92 3.65 -27.07 6.21
N LYS E 93 3.27 -26.39 5.13
CA LYS E 93 2.49 -25.18 5.29
C LYS E 93 1.17 -25.45 6.01
N PHE E 94 0.48 -26.51 5.62
CA PHE E 94 -0.79 -26.88 6.25
C PHE E 94 -0.61 -27.22 7.73
N ALA E 95 0.48 -27.90 8.07
CA ALA E 95 0.69 -28.25 9.46
C ALA E 95 1.03 -26.99 10.25
N GLN E 96 1.67 -26.04 9.60
CA GLN E 96 2.03 -24.81 10.27
C GLN E 96 0.76 -24.04 10.61
N LEU E 97 -0.29 -24.29 9.84
CA LEU E 97 -1.57 -23.62 10.05
C LEU E 97 -2.44 -24.40 11.03
N GLY E 98 -1.87 -25.44 11.63
CA GLY E 98 -2.61 -26.24 12.60
C GLY E 98 -3.43 -27.38 12.04
N PHE E 99 -3.24 -27.70 10.77
CA PHE E 99 -3.99 -28.80 10.15
C PHE E 99 -3.32 -30.17 10.28
N ARG E 100 -4.14 -31.21 10.22
CA ARG E 100 -3.63 -32.58 10.25
C ARG E 100 -3.55 -32.86 8.75
N VAL E 101 -2.35 -33.14 8.26
CA VAL E 101 -2.18 -33.36 6.83
C VAL E 101 -1.42 -34.63 6.46
N LYS E 102 -1.61 -35.09 5.23
CA LYS E 102 -0.93 -36.27 4.67
C LYS E 102 -0.64 -35.95 3.20
N GLU E 103 0.49 -36.40 2.67
CA GLU E 103 0.78 -36.16 1.26
C GLU E 103 0.48 -37.42 0.44
N LEU E 104 -0.11 -37.25 -0.74
CA LEU E 104 -0.44 -38.39 -1.63
C LEU E 104 0.79 -38.81 -2.42
N ILE E 105 1.28 -40.02 -2.17
CA ILE E 105 2.44 -40.47 -2.94
C ILE E 105 1.94 -40.95 -4.28
N GLY E 106 2.67 -40.61 -5.33
CA GLY E 106 2.26 -41.04 -6.66
C GLY E 106 1.67 -39.90 -7.47
N GLY E 107 1.22 -38.86 -6.78
CA GLY E 107 0.64 -37.72 -7.47
C GLY E 107 -0.50 -38.04 -8.41
N ILE E 108 -0.96 -37.04 -9.15
CA ILE E 108 -2.06 -37.28 -10.06
C ILE E 108 -1.60 -38.15 -11.23
N GLU E 109 -0.29 -38.15 -11.46
CA GLU E 109 0.30 -38.97 -12.52
C GLU E 109 -0.05 -40.44 -12.32
N TYR E 110 0.13 -40.95 -11.10
CA TYR E 110 -0.18 -42.34 -10.86
C TYR E 110 -1.66 -42.55 -10.60
N TRP E 111 -2.36 -41.50 -10.19
CA TRP E 111 -3.80 -41.62 -10.00
C TRP E 111 -4.35 -41.93 -11.41
N ARG E 112 -3.80 -41.29 -12.43
CA ARG E 112 -4.24 -41.54 -13.80
C ARG E 112 -3.74 -42.84 -14.41
N LYS E 113 -2.49 -43.20 -14.17
CA LYS E 113 -1.97 -44.44 -14.72
C LYS E 113 -2.73 -45.63 -14.16
N GLU E 114 -3.21 -45.52 -12.92
CA GLU E 114 -3.95 -46.59 -12.25
C GLU E 114 -5.42 -46.54 -12.63
N ASN E 115 -5.65 -45.94 -13.79
CA ASN E 115 -6.96 -45.77 -14.40
C ASN E 115 -8.00 -44.99 -13.60
N GLY E 116 -7.54 -44.02 -12.82
CA GLY E 116 -8.46 -43.20 -12.05
C GLY E 116 -9.16 -42.18 -12.95
N GLU E 117 -10.38 -41.80 -12.59
CA GLU E 117 -11.15 -40.83 -13.36
C GLU E 117 -10.68 -39.42 -13.04
N VAL E 118 -10.83 -38.51 -13.98
CA VAL E 118 -10.41 -37.13 -13.79
C VAL E 118 -11.41 -36.13 -14.36
N GLU E 119 -11.35 -34.91 -13.87
CA GLU E 119 -12.26 -33.87 -14.32
C GLU E 119 -11.47 -32.67 -14.81
N GLY E 120 -12.14 -31.79 -15.55
CA GLY E 120 -11.50 -30.61 -16.07
C GLY E 120 -11.74 -30.34 -17.53
N THR E 121 -11.09 -29.30 -18.05
CA THR E 121 -11.23 -28.90 -19.43
C THR E 121 -10.75 -29.93 -20.45
N LEU E 122 -9.62 -30.56 -20.15
CA LEU E 122 -9.03 -31.55 -21.04
C LEU E 122 -9.17 -32.96 -20.49
N GLY E 123 -9.27 -33.08 -19.17
CA GLY E 123 -9.42 -34.40 -18.57
C GLY E 123 -8.26 -35.35 -18.86
N ALA E 124 -8.60 -36.55 -19.33
CA ALA E 124 -7.59 -37.56 -19.63
C ALA E 124 -6.71 -37.18 -20.81
N LYS E 125 -7.08 -36.11 -21.51
CA LYS E 125 -6.31 -35.67 -22.64
C LYS E 125 -5.21 -34.70 -22.20
N ALA E 126 -5.21 -34.34 -20.92
CA ALA E 126 -4.20 -33.38 -20.43
C ALA E 126 -2.80 -33.95 -20.31
N ASP E 127 -1.79 -33.08 -20.37
CA ASP E 127 -0.41 -33.54 -20.23
C ASP E 127 -0.28 -34.32 -18.94
N LEU E 128 0.55 -35.35 -18.97
CA LEU E 128 0.78 -36.19 -17.82
C LEU E 128 1.95 -35.72 -16.97
N PHE E 129 2.79 -34.85 -17.53
CA PHE E 129 3.95 -34.35 -16.78
C PHE E 129 4.07 -32.83 -16.77
N TRP E 130 4.77 -32.31 -15.77
CA TRP E 130 5.02 -30.89 -15.70
C TRP E 130 6.01 -30.63 -16.85
N ASN E 131 5.89 -29.47 -17.49
CA ASN E 131 6.77 -29.10 -18.61
C ASN E 131 7.62 -27.88 -18.27
N MSE E 132 8.92 -28.11 -18.13
CA MSE E 132 9.88 -27.07 -17.81
C MSE E 132 9.81 -25.85 -18.72
O MSE E 132 10.22 -24.76 -18.34
CB MSE E 132 11.28 -27.68 -17.90
CG MSE E 132 12.22 -27.31 -16.81
SE MSE E 132 13.84 -28.29 -17.08
CE MSE E 132 13.24 -29.98 -16.39
N LYS E 133 9.30 -26.01 -19.94
CA LYS E 133 9.21 -24.90 -20.88
C LYS E 133 7.82 -24.29 -20.92
N LYS E 134 6.82 -25.13 -21.20
CA LYS E 134 5.42 -24.69 -21.28
C LYS E 134 5.07 -23.72 -20.16
CL CL F . 12.22 7.37 -14.66
CL CL G . 20.37 -26.05 -2.53
CL CL H . -9.20 23.87 0.83
CL CL I . 6.24 -44.27 -17.75
#